data_6XBM
#
_entry.id   6XBM
#
_cell.length_a   1.00
_cell.length_b   1.00
_cell.length_c   1.00
_cell.angle_alpha   90.00
_cell.angle_beta   90.00
_cell.angle_gamma   90.00
#
_symmetry.space_group_name_H-M   'P 1'
#
loop_
_entity.id
_entity.type
_entity.pdbx_description
1 polymer 'Smoothened homolog'
2 polymer 'Guanine nucleotide-binding protein G(i) subunit alpha-1'
3 polymer 'Guanine nucleotide-binding protein G(I)/G(S)/G(T) subunit beta-1'
4 polymer 'Guanine nucleotide-binding protein G(I)/G(S)/G(O) subunit gamma-2'
5 polymer scFv16
6 non-polymer '17-[3-(3,3-DIMETHYL-OXIRANYL)-1-METHYL-PROPYL]-10,13-DIMETHYL-2,3,4,7,8,9,10,11,12,13,14,15,16,17-TETRADECAHYDRO-1H-CYC LOPENTA[A]PHENANTHREN-3-OL'
#
loop_
_entity_poly.entity_id
_entity_poly.type
_entity_poly.pdbx_seq_one_letter_code
_entity_poly.pdbx_strand_id
1 'polypeptide(L)'
;MAAARPARGPELPLLGLLLLLLLGDPGRGAASSGNATGPGPRSAGGSARRSAAVTGPPPPLSHCGRAAPCEPLRYNVCLG
SVLPYGATSTLLAGDSDSQEEAHGKLVLWSGLRNAPRCWAVIQPLLCAVYMPKCENDRVELPSRTLCQATRGPCAIVERE
RGWPDFLRCTPDRFPEGCTNEVQNIKFNSSGQCEVPLVRTDNPKSWYEDVEGCGIQCQNPLFTEAEHQDMHSYIAAFGAV
TGLCTLFTLATFVADWRNSNRYPAVILFYVNACFFVGSIGWLAQFMDGARREIVCRADGTMRLGEPTSNETLSCVIIFVI
VYYALMAGVVWFVVLTYAWHTSFKALGTTYQPLSGKTSYFHLLTWSLPFVLTVAILAVAQVDGDSVSGICFVGYKNYRYR
AGFVLAPIGLVLIVGGYFLIRGVMTLFSIKSNHPGLLSEKAASKINETMLRLGIFGFLAFGFVLITFSCHFYDFFNQAEW
ERSFRDYVLCQANVTIGLPTKQPIPDCEIKNRPSLLVEKINLFAMFGTGIAMSTWVWTKATLLIWRRTWCRLTGQSDDEP
KRIKKSKMIAKAFSKRHELLQNPGQELSFSMHTVSHDGPVAGLAFDLNEPSADVSSAWAQHVTKMVARRGAILPQDISVT
PVATDYKDDDDK
;
R
2 'polypeptide(L)'
;MGCTLSAEDKAAVERSKMIDRNLREDGEKAAREVKLLLLGAGESGKSTIVKQMKIIHEAGYSEEECKQYKAVVYSNTIQS
IIAIIRAMGRLKIDFGDSARADDARQLFVLAGAAEEGFMTAELAGVIKRLWKDSGVQACFNRSREYQLNDSAAYYLNDLD
RIAQPNYIPTQQDVLRTRVKTTGIVETHFTFKDLHFKMFDVGGQRSERKKWIHCFEGVTAIIFCVALSDYDLVLAEDEEM
NRMHESMKLFDSICNNKWFTDTSIILFLNKKDLFEEKIKKSPLTICYPEYAGSNTYEEAAAYIQCQFEDLNKRKDTKEIY
THFTCATDTKNVQFVFDAVTDVIIKNNLKDCGLF
;
A
3 'polypeptide(L)'
;PGSSGSELDQLRQEAEQLKNQIRDARKACADATLSQITNNIDPVGRIQMRTRRTLRGHLAKIYAMHWGTDSRLLVSASQD
GKLIIWDSYTTNKVHAIPLRSSWVMTCAYAPSGNYVACGGLDNICSIYNLKTREGNVRVSRELAGHTGYLSCCRFLDDNQ
IVTSSGDTTCALWDIETGQQTTTFTGHTGDVMSLSLAPDTRLFVSGACDASAKLWDVREGMCRQTFTGHESDINAICFFP
NGNAFATGSDDATCRLFDLRADQELMTYSHDNIICGITSVSFSKSGRLLLAGYDDFNCNVWDALKADRAGVLAGHDNRVS
CLGVTDDGMAVATGSWDSFLKIWN
;
B
4 'polypeptide(L)' MASNNTASIAQARKLVEQLKMEANIDRIKVSKAAADLMAYCEAHAKEDPLLTPVPASENPFREKKFFCAIL G
5 'polypeptide(L)'
;DVQLVESGGGLVQPGGSRKLSCSASGFAFSSFGMHWVRQAPEKGLEWVAYISSGSGTIYYADTVKGRFTISRDDPKNTLF
LQMTSLRSEDTAMYYCVRSIYYYGSSPFDFWGQGTTLTVSSGGGGSGGGGSGGGGSDIVMTQATSSVPVTPGESVSISCR
SSKSLLHSNGNTYLYWFLQRPGQSPQLLIYRMSNLASGVPDRFSGSGSGTAFTLTISRLEAEDVGVYYCMQHLEYPLTFG
AGTKLELKAAAHHHHHHHH
;
S
#
# COMPACT_ATOMS: atom_id res chain seq x y z
N GLN A 192 8.97 -42.60 -59.93
CA GLN A 192 8.67 -42.98 -58.50
C GLN A 192 10.00 -43.12 -57.76
N CYS A 193 10.09 -42.59 -56.53
CA CYS A 193 11.30 -42.67 -55.67
C CYS A 193 11.05 -43.66 -54.52
N GLU A 194 12.00 -43.77 -53.59
CA GLU A 194 12.10 -44.86 -52.59
C GLU A 194 10.98 -44.72 -51.54
N VAL A 195 10.90 -45.67 -50.61
CA VAL A 195 9.81 -45.81 -49.60
C VAL A 195 9.80 -44.61 -48.66
N PRO A 196 10.91 -44.23 -47.97
CA PRO A 196 10.85 -43.13 -46.99
C PRO A 196 10.79 -41.71 -47.59
N LEU A 197 10.62 -41.59 -48.91
CA LEU A 197 10.49 -40.31 -49.64
C LEU A 197 9.06 -40.21 -50.20
N VAL A 198 8.40 -39.07 -49.98
CA VAL A 198 7.03 -38.76 -50.49
C VAL A 198 7.15 -37.68 -51.57
N ARG A 199 6.42 -37.83 -52.66
CA ARG A 199 6.51 -36.96 -53.87
C ARG A 199 5.94 -35.58 -53.53
N THR A 200 6.81 -34.57 -53.47
CA THR A 200 6.47 -33.15 -53.19
C THR A 200 7.16 -32.23 -54.21
N ASP A 201 6.78 -30.96 -54.22
CA ASP A 201 7.24 -29.94 -55.20
C ASP A 201 7.81 -28.69 -54.52
N ASN A 202 7.67 -28.53 -53.20
CA ASN A 202 8.15 -27.34 -52.45
C ASN A 202 9.67 -27.23 -52.64
N PRO A 203 10.22 -26.03 -52.93
CA PRO A 203 11.65 -25.88 -53.23
C PRO A 203 12.62 -26.37 -52.15
N LYS A 204 12.42 -25.96 -50.90
CA LYS A 204 13.29 -26.32 -49.74
C LYS A 204 13.02 -27.76 -49.28
N SER A 205 11.89 -28.37 -49.69
CA SER A 205 11.37 -29.65 -49.14
C SER A 205 12.24 -30.82 -49.57
N TRP A 206 12.58 -30.90 -50.87
CA TRP A 206 13.22 -32.10 -51.48
C TRP A 206 14.54 -32.44 -50.78
N TYR A 207 14.95 -33.71 -50.90
CA TYR A 207 16.26 -34.23 -50.48
C TYR A 207 17.29 -33.85 -51.56
N GLU A 208 18.57 -33.78 -51.17
CA GLU A 208 19.69 -33.29 -52.03
C GLU A 208 19.83 -34.23 -53.25
N ASP A 209 19.85 -33.66 -54.46
CA ASP A 209 20.02 -34.37 -55.75
C ASP A 209 18.77 -35.20 -56.12
N VAL A 210 17.68 -35.05 -55.38
CA VAL A 210 16.37 -35.72 -55.64
C VAL A 210 15.26 -34.67 -55.48
N GLU A 211 14.90 -33.99 -56.58
CA GLU A 211 13.97 -32.82 -56.56
C GLU A 211 12.52 -33.28 -56.42
N GLY A 212 12.18 -34.49 -56.87
CA GLY A 212 10.79 -34.99 -56.98
C GLY A 212 10.16 -35.33 -55.64
N CYS A 213 10.96 -35.59 -54.60
CA CYS A 213 10.48 -36.06 -53.27
C CYS A 213 11.50 -35.78 -52.17
N GLY A 214 11.01 -35.47 -50.96
CA GLY A 214 11.83 -35.14 -49.78
C GLY A 214 11.92 -36.30 -48.81
N ILE A 215 11.32 -36.15 -47.63
CA ILE A 215 11.25 -37.19 -46.56
C ILE A 215 9.78 -37.37 -46.18
N GLN A 216 9.36 -38.61 -45.93
CA GLN A 216 7.95 -38.94 -45.55
C GLN A 216 7.65 -38.35 -44.16
N CYS A 217 6.39 -38.45 -43.73
CA CYS A 217 5.86 -37.79 -42.51
C CYS A 217 6.40 -38.49 -41.26
N GLN A 218 6.13 -39.80 -41.13
CA GLN A 218 6.55 -40.62 -39.97
C GLN A 218 8.05 -40.88 -40.06
N ASN A 219 8.77 -40.80 -38.94
CA ASN A 219 10.22 -41.06 -38.85
C ASN A 219 10.48 -42.48 -39.36
N PRO A 220 11.13 -42.67 -40.54
CA PRO A 220 11.27 -44.00 -41.13
C PRO A 220 12.08 -45.01 -40.30
N LEU A 221 12.85 -44.53 -39.32
CA LEU A 221 13.69 -45.37 -38.43
C LEU A 221 12.82 -46.18 -37.46
N PHE A 222 11.55 -45.78 -37.24
CA PHE A 222 10.62 -46.45 -36.31
C PHE A 222 9.43 -47.05 -37.06
N THR A 223 8.94 -48.19 -36.56
CA THR A 223 7.73 -48.91 -37.04
C THR A 223 6.50 -48.34 -36.33
N GLU A 224 5.35 -48.35 -37.02
CA GLU A 224 4.05 -47.82 -36.55
C GLU A 224 3.72 -48.33 -35.13
N ALA A 225 4.06 -49.60 -34.82
CA ALA A 225 3.91 -50.21 -33.49
C ALA A 225 4.61 -49.34 -32.43
N GLU A 226 5.88 -49.00 -32.66
CA GLU A 226 6.70 -48.14 -31.75
C GLU A 226 6.07 -46.75 -31.66
N HIS A 227 5.61 -46.21 -32.80
CA HIS A 227 4.89 -44.90 -32.89
C HIS A 227 3.72 -44.88 -31.91
N GLN A 228 2.80 -45.83 -32.04
CA GLN A 228 1.53 -45.89 -31.25
C GLN A 228 1.87 -46.12 -29.77
N ASP A 229 2.83 -47.00 -29.48
CA ASP A 229 3.31 -47.32 -28.11
C ASP A 229 3.86 -46.04 -27.45
N MET A 230 4.75 -45.32 -28.16
CA MET A 230 5.35 -44.05 -27.68
C MET A 230 4.25 -43.00 -27.48
N HIS A 231 3.30 -42.88 -28.41
CA HIS A 231 2.17 -41.91 -28.34
C HIS A 231 1.37 -42.14 -27.05
N SER A 232 0.96 -43.40 -26.81
CA SER A 232 0.19 -43.82 -25.59
C SER A 232 0.99 -43.50 -24.32
N TYR A 233 2.30 -43.78 -24.33
CA TYR A 233 3.23 -43.51 -23.19
C TYR A 233 3.26 -42.00 -22.90
N ILE A 234 3.47 -41.17 -23.94
CA ILE A 234 3.52 -39.68 -23.82
C ILE A 234 2.18 -39.18 -23.27
N ALA A 235 1.06 -39.70 -23.79
CA ALA A 235 -0.31 -39.37 -23.32
C ALA A 235 -0.42 -39.62 -21.82
N ALA A 236 -0.03 -40.83 -21.38
CA ALA A 236 -0.08 -41.27 -19.97
C ALA A 236 0.67 -40.26 -19.08
N PHE A 237 1.99 -40.10 -19.29
CA PHE A 237 2.87 -39.29 -18.40
C PHE A 237 2.57 -37.79 -18.54
N GLY A 238 2.28 -37.31 -19.75
CA GLY A 238 1.84 -35.92 -19.98
C GLY A 238 0.59 -35.59 -19.18
N ALA A 239 -0.41 -36.49 -19.21
CA ALA A 239 -1.69 -36.34 -18.47
C ALA A 239 -1.42 -36.32 -16.95
N VAL A 240 -0.59 -37.24 -16.46
CA VAL A 240 -0.25 -37.36 -15.00
C VAL A 240 0.46 -36.08 -14.55
N THR A 241 1.44 -35.59 -15.34
CA THR A 241 2.20 -34.33 -15.07
C THR A 241 1.22 -33.16 -15.01
N GLY A 242 0.39 -33.00 -16.04
CA GLY A 242 -0.66 -31.96 -16.11
C GLY A 242 -1.55 -32.00 -14.87
N LEU A 243 -1.97 -33.19 -14.45
CA LEU A 243 -2.87 -33.41 -13.30
C LEU A 243 -2.20 -32.92 -12.01
N CYS A 244 -0.97 -33.35 -11.74
CA CYS A 244 -0.17 -32.98 -10.54
C CYS A 244 0.06 -31.47 -10.50
N THR A 245 0.49 -30.88 -11.61
CA THR A 245 0.77 -29.42 -11.74
C THR A 245 -0.54 -28.64 -11.54
N LEU A 246 -1.65 -29.10 -12.11
CA LEU A 246 -2.97 -28.41 -11.98
C LEU A 246 -3.45 -28.48 -10.52
N PHE A 247 -3.25 -29.63 -9.85
CA PHE A 247 -3.56 -29.81 -8.41
C PHE A 247 -2.78 -28.76 -7.58
N THR A 248 -1.48 -28.61 -7.85
CA THR A 248 -0.60 -27.62 -7.17
C THR A 248 -1.13 -26.20 -7.43
N LEU A 249 -1.39 -25.87 -8.71
CA LEU A 249 -1.96 -24.55 -9.12
C LEU A 249 -3.25 -24.27 -8.35
N ALA A 250 -4.15 -25.26 -8.27
CA ALA A 250 -5.45 -25.18 -7.57
C ALA A 250 -5.23 -24.91 -6.07
N THR A 251 -4.29 -25.63 -5.44
CA THR A 251 -3.93 -25.48 -4.01
C THR A 251 -3.44 -24.05 -3.74
N PHE A 252 -2.63 -23.50 -4.65
CA PHE A 252 -2.04 -22.13 -4.53
C PHE A 252 -3.14 -21.07 -4.73
N VAL A 253 -3.97 -21.23 -5.77
CA VAL A 253 -4.98 -20.21 -6.16
C VAL A 253 -6.15 -20.21 -5.15
N ALA A 254 -6.45 -21.33 -4.50
CA ALA A 254 -7.58 -21.47 -3.55
C ALA A 254 -7.44 -20.47 -2.38
N ASP A 255 -6.21 -20.14 -1.98
CA ASP A 255 -5.91 -19.23 -0.83
C ASP A 255 -4.95 -18.11 -1.26
N TRP A 256 -4.96 -17.71 -2.53
CA TRP A 256 -4.00 -16.76 -3.15
C TRP A 256 -3.67 -15.56 -2.24
N ARG A 257 -4.60 -15.07 -1.42
CA ARG A 257 -4.39 -13.88 -0.54
C ARG A 257 -3.27 -14.15 0.48
N ASN A 258 -3.46 -15.15 1.36
CA ASN A 258 -2.55 -15.42 2.50
C ASN A 258 -1.38 -16.32 2.04
N SER A 259 -1.49 -16.95 0.87
CA SER A 259 -0.51 -17.92 0.32
C SER A 259 0.31 -17.31 -0.83
N ASN A 260 0.43 -15.97 -0.87
CA ASN A 260 1.21 -15.23 -1.91
C ASN A 260 2.52 -14.69 -1.29
N ARG A 261 3.01 -15.30 -0.21
CA ARG A 261 4.37 -15.02 0.33
C ARG A 261 5.39 -15.43 -0.74
N TYR A 262 6.38 -14.56 -1.00
CA TYR A 262 7.12 -14.54 -2.28
C TYR A 262 8.10 -15.71 -2.39
N PRO A 263 8.92 -16.03 -1.37
CA PRO A 263 9.83 -17.18 -1.48
C PRO A 263 9.14 -18.53 -1.79
N ALA A 264 7.83 -18.66 -1.49
CA ALA A 264 7.03 -19.89 -1.72
C ALA A 264 6.35 -19.86 -3.10
N VAL A 265 5.77 -18.71 -3.50
CA VAL A 265 4.97 -18.55 -4.75
C VAL A 265 5.81 -18.92 -5.99
N ILE A 266 7.14 -18.94 -5.86
CA ILE A 266 8.05 -19.39 -6.96
C ILE A 266 7.67 -20.84 -7.34
N LEU A 267 7.26 -21.66 -6.36
CA LEU A 267 6.76 -23.04 -6.62
C LEU A 267 5.52 -22.99 -7.52
N PHE A 268 4.57 -22.10 -7.21
CA PHE A 268 3.36 -21.84 -8.04
C PHE A 268 3.80 -21.53 -9.48
N TYR A 269 4.79 -20.65 -9.64
CA TYR A 269 5.28 -20.19 -10.96
C TYR A 269 5.95 -21.33 -11.73
N VAL A 270 6.81 -22.11 -11.07
CA VAL A 270 7.45 -23.32 -11.67
C VAL A 270 6.33 -24.25 -12.16
N ASN A 271 5.33 -24.52 -11.30
CA ASN A 271 4.22 -25.47 -11.59
C ASN A 271 3.34 -24.95 -12.74
N ALA A 272 3.08 -23.64 -12.79
CA ALA A 272 2.36 -22.97 -13.91
C ALA A 272 3.12 -23.21 -15.21
N CYS A 273 4.43 -22.96 -15.21
CA CYS A 273 5.33 -23.17 -16.38
C CYS A 273 5.25 -24.63 -16.85
N PHE A 274 5.36 -25.59 -15.93
CA PHE A 274 5.34 -27.05 -16.25
C PHE A 274 3.94 -27.48 -16.71
N PHE A 275 2.89 -26.89 -16.14
CA PHE A 275 1.48 -27.13 -16.57
C PHE A 275 1.31 -26.68 -18.03
N VAL A 276 1.81 -25.49 -18.37
CA VAL A 276 1.78 -24.94 -19.77
C VAL A 276 2.57 -25.87 -20.68
N GLY A 277 3.75 -26.34 -20.24
CA GLY A 277 4.58 -27.32 -20.95
C GLY A 277 3.81 -28.60 -21.25
N SER A 278 3.14 -29.16 -20.24
CA SER A 278 2.32 -30.40 -20.36
C SER A 278 1.16 -30.18 -21.34
N ILE A 279 0.47 -29.03 -21.27
CA ILE A 279 -0.63 -28.66 -22.21
C ILE A 279 -0.06 -28.63 -23.64
N GLY A 280 1.09 -27.96 -23.82
CA GLY A 280 1.83 -27.90 -25.10
C GLY A 280 2.17 -29.28 -25.63
N TRP A 281 2.53 -30.21 -24.74
CA TRP A 281 2.83 -31.63 -25.08
C TRP A 281 1.55 -32.35 -25.51
N LEU A 282 0.45 -32.19 -24.76
CA LEU A 282 -0.83 -32.91 -25.01
C LEU A 282 -1.57 -32.30 -26.22
N ALA A 283 -1.22 -31.08 -26.64
CA ALA A 283 -1.80 -30.43 -27.85
C ALA A 283 -1.56 -31.28 -29.10
N GLN A 284 -0.58 -32.20 -29.07
CA GLN A 284 -0.36 -33.22 -30.15
C GLN A 284 -1.61 -34.12 -30.26
N PHE A 285 -2.23 -34.47 -29.13
CA PHE A 285 -3.35 -35.44 -29.05
C PHE A 285 -4.64 -34.75 -29.49
N MET A 286 -4.95 -34.85 -30.78
CA MET A 286 -6.19 -34.36 -31.40
C MET A 286 -6.27 -34.86 -32.84
N ASP A 287 -7.49 -35.15 -33.33
CA ASP A 287 -7.76 -35.78 -34.65
C ASP A 287 -7.21 -34.86 -35.75
N GLY A 288 -6.17 -35.31 -36.45
CA GLY A 288 -5.55 -34.59 -37.58
C GLY A 288 -4.55 -33.53 -37.13
N ALA A 289 -4.51 -33.16 -35.85
CA ALA A 289 -3.60 -32.12 -35.30
C ALA A 289 -2.14 -32.59 -35.38
N ARG A 290 -1.90 -33.89 -35.22
CA ARG A 290 -0.53 -34.49 -35.24
C ARG A 290 0.08 -34.30 -36.63
N ARG A 291 -0.70 -34.50 -37.70
CA ARG A 291 -0.25 -34.29 -39.10
C ARG A 291 -0.02 -32.80 -39.36
N GLU A 292 -0.84 -31.92 -38.76
CA GLU A 292 -0.70 -30.45 -38.85
C GLU A 292 0.53 -29.97 -38.07
N ILE A 293 0.97 -30.73 -37.04
CA ILE A 293 2.05 -30.29 -36.12
C ILE A 293 3.42 -30.83 -36.57
N VAL A 294 3.49 -32.05 -37.12
CA VAL A 294 4.79 -32.74 -37.43
C VAL A 294 5.17 -32.56 -38.91
N CYS A 295 4.22 -32.28 -39.80
CA CYS A 295 4.43 -32.26 -41.28
C CYS A 295 3.71 -31.06 -41.92
N ARG A 296 4.16 -30.69 -43.13
CA ARG A 296 3.58 -29.60 -43.95
C ARG A 296 2.32 -30.11 -44.67
N ALA A 297 1.70 -29.25 -45.48
CA ALA A 297 0.50 -29.58 -46.30
C ALA A 297 0.89 -30.44 -47.52
N ASP A 298 2.19 -30.55 -47.84
CA ASP A 298 2.70 -31.33 -49.00
C ASP A 298 2.83 -32.81 -48.62
N GLY A 299 3.33 -33.10 -47.41
CA GLY A 299 3.54 -34.46 -46.89
C GLY A 299 4.91 -34.69 -46.28
N THR A 300 5.87 -33.78 -46.52
CA THR A 300 7.25 -33.89 -45.96
C THR A 300 7.24 -33.46 -44.51
N MET A 301 8.02 -34.17 -43.68
CA MET A 301 8.27 -33.79 -42.28
C MET A 301 9.02 -32.46 -42.24
N ARG A 302 8.80 -31.68 -41.17
CA ARG A 302 9.25 -30.26 -41.08
C ARG A 302 10.73 -30.23 -40.71
N LEU A 303 11.55 -29.62 -41.58
CA LEU A 303 13.03 -29.47 -41.40
C LEU A 303 13.38 -27.98 -41.35
N GLY A 304 13.74 -27.46 -40.17
CA GLY A 304 14.03 -26.03 -39.94
C GLY A 304 12.89 -25.15 -40.40
N GLU A 305 11.75 -25.22 -39.70
CA GLU A 305 10.42 -24.74 -40.20
C GLU A 305 9.89 -23.57 -39.38
N PRO A 306 10.67 -22.48 -39.15
CA PRO A 306 10.11 -21.13 -39.17
C PRO A 306 10.05 -20.65 -40.63
N THR A 307 8.85 -20.71 -41.23
CA THR A 307 8.62 -20.42 -42.67
C THR A 307 7.46 -19.43 -42.86
N SER A 308 6.34 -19.64 -42.17
CA SER A 308 5.10 -18.81 -42.25
C SER A 308 4.46 -18.94 -43.65
N ASN A 309 4.77 -20.02 -44.38
CA ASN A 309 4.31 -20.24 -45.78
C ASN A 309 2.88 -20.81 -45.73
N GLU A 310 2.73 -21.99 -45.13
CA GLU A 310 1.46 -22.79 -45.15
C GLU A 310 0.88 -22.89 -43.74
N THR A 311 1.70 -23.21 -42.72
CA THR A 311 1.26 -23.50 -41.33
C THR A 311 2.27 -22.94 -40.33
N LEU A 312 1.77 -22.47 -39.17
CA LEU A 312 2.58 -21.92 -38.05
C LEU A 312 2.42 -22.76 -36.77
N SER A 313 1.68 -23.87 -36.82
CA SER A 313 1.35 -24.72 -35.64
C SER A 313 2.64 -25.28 -35.03
N CYS A 314 3.56 -25.78 -35.86
CA CYS A 314 4.88 -26.34 -35.44
C CYS A 314 5.63 -25.32 -34.58
N VAL A 315 5.69 -24.07 -35.04
CA VAL A 315 6.43 -22.96 -34.36
C VAL A 315 5.75 -22.69 -33.01
N ILE A 316 4.42 -22.51 -32.98
CA ILE A 316 3.68 -22.13 -31.75
C ILE A 316 3.85 -23.22 -30.69
N ILE A 317 3.76 -24.51 -31.07
CA ILE A 317 3.91 -25.65 -30.12
C ILE A 317 5.37 -25.75 -29.67
N PHE A 318 6.33 -25.60 -30.59
CA PHE A 318 7.78 -25.58 -30.25
C PHE A 318 8.04 -24.51 -29.18
N VAL A 319 7.55 -23.28 -29.40
CA VAL A 319 7.78 -22.12 -28.49
C VAL A 319 7.11 -22.41 -27.14
N ILE A 320 5.85 -22.87 -27.15
CA ILE A 320 5.11 -23.26 -25.90
C ILE A 320 5.99 -24.21 -25.10
N VAL A 321 6.34 -25.36 -25.69
CA VAL A 321 7.10 -26.46 -25.02
C VAL A 321 8.42 -25.90 -24.49
N TYR A 322 9.24 -25.33 -25.38
CA TYR A 322 10.64 -24.92 -25.07
C TYR A 322 10.64 -23.79 -24.04
N TYR A 323 9.80 -22.77 -24.22
CA TYR A 323 9.73 -21.60 -23.30
C TYR A 323 9.23 -22.05 -21.93
N ALA A 324 8.17 -22.88 -21.88
CA ALA A 324 7.61 -23.46 -20.64
C ALA A 324 8.71 -24.19 -19.87
N LEU A 325 9.43 -25.09 -20.55
CA LEU A 325 10.54 -25.89 -19.96
C LEU A 325 11.59 -24.95 -19.37
N MET A 326 12.18 -24.08 -20.21
CA MET A 326 13.32 -23.21 -19.82
C MET A 326 12.88 -22.23 -18.72
N ALA A 327 11.69 -21.65 -18.81
CA ALA A 327 11.14 -20.71 -17.80
C ALA A 327 10.99 -21.43 -16.45
N GLY A 328 10.35 -22.61 -16.45
CA GLY A 328 10.22 -23.48 -15.27
C GLY A 328 11.56 -23.77 -14.61
N VAL A 329 12.56 -24.11 -15.42
CA VAL A 329 13.94 -24.50 -14.98
C VAL A 329 14.63 -23.29 -14.33
N VAL A 330 14.63 -22.13 -15.00
CA VAL A 330 15.30 -20.90 -14.49
C VAL A 330 14.55 -20.45 -13.23
N TRP A 331 13.21 -20.59 -13.21
CA TRP A 331 12.37 -20.33 -12.01
C TRP A 331 12.83 -21.22 -10.84
N PHE A 332 13.11 -22.51 -11.11
CA PHE A 332 13.63 -23.47 -10.10
C PHE A 332 14.96 -22.95 -9.52
N VAL A 333 15.87 -22.48 -10.38
CA VAL A 333 17.20 -21.94 -9.95
C VAL A 333 16.97 -20.71 -9.07
N VAL A 334 16.08 -19.81 -9.48
CA VAL A 334 15.70 -18.58 -8.71
C VAL A 334 15.11 -19.02 -7.36
N LEU A 335 14.25 -20.04 -7.35
CA LEU A 335 13.68 -20.64 -6.11
C LEU A 335 14.82 -21.04 -5.16
N THR A 336 15.78 -21.81 -5.66
CA THR A 336 16.92 -22.34 -4.86
C THR A 336 17.73 -21.18 -4.29
N TYR A 337 17.99 -20.14 -5.10
CA TYR A 337 18.69 -18.90 -4.66
C TYR A 337 17.89 -18.24 -3.54
N ALA A 338 16.58 -18.06 -3.73
CA ALA A 338 15.65 -17.45 -2.76
C ALA A 338 15.71 -18.20 -1.42
N TRP A 339 15.70 -19.54 -1.48
CA TRP A 339 15.82 -20.42 -0.29
C TRP A 339 17.15 -20.18 0.42
N HIS A 340 18.28 -20.21 -0.32
CA HIS A 340 19.64 -19.98 0.22
C HIS A 340 19.68 -18.66 0.99
N THR A 341 19.31 -17.56 0.33
CA THR A 341 19.34 -16.18 0.90
C THR A 341 18.36 -16.07 2.07
N SER A 342 17.20 -16.73 2.00
CA SER A 342 16.19 -16.76 3.11
C SER A 342 16.78 -17.46 4.34
N PHE A 343 17.41 -18.62 4.17
CA PHE A 343 18.01 -19.42 5.28
C PHE A 343 19.22 -18.70 5.87
N LYS A 344 19.91 -17.89 5.07
CA LYS A 344 21.03 -17.03 5.55
C LYS A 344 20.53 -16.10 6.66
N ALA A 345 19.29 -15.60 6.54
CA ALA A 345 18.64 -14.67 7.49
C ALA A 345 17.50 -15.38 8.25
N LEU A 346 17.69 -16.66 8.61
CA LEU A 346 16.69 -17.42 9.41
C LEU A 346 16.85 -17.07 10.89
N GLY A 347 15.74 -16.89 11.59
CA GLY A 347 15.69 -16.55 13.03
C GLY A 347 15.86 -15.07 13.29
N THR A 348 15.85 -14.23 12.24
CA THR A 348 15.87 -12.75 12.32
C THR A 348 14.79 -12.19 11.40
N THR A 349 14.41 -10.92 11.60
CA THR A 349 13.31 -10.22 10.89
C THR A 349 13.83 -9.58 9.59
N TYR A 350 15.15 -9.52 9.39
CA TYR A 350 15.79 -8.96 8.16
C TYR A 350 15.38 -9.83 6.96
N GLN A 351 14.50 -9.29 6.10
CA GLN A 351 14.01 -9.95 4.85
C GLN A 351 14.95 -9.57 3.71
N PRO A 352 15.79 -10.50 3.18
CA PRO A 352 16.70 -10.19 2.08
C PRO A 352 16.01 -10.06 0.71
N LEU A 353 14.78 -10.60 0.56
CA LEU A 353 13.99 -10.56 -0.71
C LEU A 353 12.93 -9.46 -0.65
N SER A 354 13.27 -8.31 -0.08
CA SER A 354 12.37 -7.12 0.01
C SER A 354 12.21 -6.48 -1.38
N GLY A 355 13.28 -6.42 -2.17
CA GLY A 355 13.32 -5.70 -3.46
C GLY A 355 14.04 -6.47 -4.55
N LYS A 356 13.79 -7.78 -4.68
CA LYS A 356 14.39 -8.66 -5.74
C LYS A 356 13.33 -9.47 -6.49
N THR A 357 12.04 -9.23 -6.25
CA THR A 357 10.91 -9.97 -6.89
C THR A 357 10.85 -9.58 -8.37
N SER A 358 10.89 -8.27 -8.64
CA SER A 358 10.92 -7.67 -10.01
C SER A 358 12.11 -8.22 -10.79
N TYR A 359 13.31 -8.18 -10.19
CA TYR A 359 14.58 -8.61 -10.84
C TYR A 359 14.52 -10.11 -11.17
N PHE A 360 13.99 -10.92 -10.25
CA PHE A 360 13.73 -12.36 -10.46
C PHE A 360 12.84 -12.55 -11.68
N HIS A 361 11.67 -11.90 -11.70
CA HIS A 361 10.67 -11.96 -12.81
C HIS A 361 11.35 -11.58 -14.13
N LEU A 362 11.97 -10.40 -14.19
CA LEU A 362 12.65 -9.90 -15.42
C LEU A 362 13.61 -10.98 -15.95
N LEU A 363 14.54 -11.47 -15.11
CA LEU A 363 15.61 -12.43 -15.50
C LEU A 363 14.97 -13.72 -16.02
N THR A 364 14.08 -14.33 -15.22
CA THR A 364 13.47 -15.67 -15.50
C THR A 364 12.55 -15.63 -16.73
N TRP A 365 11.93 -14.48 -17.03
CA TRP A 365 11.05 -14.31 -18.23
C TRP A 365 11.86 -13.81 -19.43
N SER A 366 13.04 -13.22 -19.22
CA SER A 366 13.92 -12.70 -20.31
C SER A 366 14.72 -13.84 -20.95
N LEU A 367 15.52 -14.57 -20.15
CA LEU A 367 16.53 -15.55 -20.62
C LEU A 367 15.91 -16.60 -21.55
N PRO A 368 14.81 -17.29 -21.16
CA PRO A 368 14.21 -18.31 -22.04
C PRO A 368 13.66 -17.69 -23.33
N PHE A 369 13.14 -16.46 -23.27
CA PHE A 369 12.56 -15.73 -24.42
C PHE A 369 13.67 -15.42 -25.42
N VAL A 370 14.77 -14.84 -24.95
CA VAL A 370 16.00 -14.58 -25.76
C VAL A 370 16.45 -15.88 -26.43
N LEU A 371 16.48 -16.98 -25.68
CA LEU A 371 17.01 -18.29 -26.18
C LEU A 371 16.08 -18.83 -27.28
N THR A 372 14.76 -18.85 -27.04
CA THR A 372 13.77 -19.40 -28.01
C THR A 372 13.74 -18.56 -29.29
N VAL A 373 13.79 -17.23 -29.18
CA VAL A 373 13.76 -16.31 -30.37
C VAL A 373 15.09 -16.47 -31.15
N ALA A 374 16.22 -16.67 -30.45
CA ALA A 374 17.53 -16.97 -31.07
C ALA A 374 17.42 -18.26 -31.89
N ILE A 375 16.85 -19.33 -31.30
CA ILE A 375 16.64 -20.65 -31.98
C ILE A 375 15.75 -20.43 -33.21
N LEU A 376 14.66 -19.66 -33.07
CA LEU A 376 13.72 -19.36 -34.18
C LEU A 376 14.42 -18.58 -35.30
N ALA A 377 15.29 -17.63 -34.95
CA ALA A 377 16.08 -16.83 -35.92
C ALA A 377 17.05 -17.73 -36.69
N VAL A 378 17.69 -18.69 -36.00
CA VAL A 378 18.65 -19.65 -36.63
C VAL A 378 17.85 -20.71 -37.42
N ALA A 379 16.57 -20.93 -37.06
CA ALA A 379 15.60 -21.75 -37.80
C ALA A 379 16.04 -23.22 -37.76
N GLN A 380 16.24 -23.75 -36.55
CA GLN A 380 16.67 -25.14 -36.28
C GLN A 380 15.47 -26.01 -35.92
N VAL A 381 14.25 -25.45 -35.90
CA VAL A 381 13.02 -26.15 -35.43
C VAL A 381 12.71 -27.29 -36.39
N ASP A 382 13.00 -28.53 -35.94
CA ASP A 382 12.67 -29.78 -36.67
C ASP A 382 11.44 -30.41 -36.02
N GLY A 383 10.76 -31.30 -36.76
CA GLY A 383 9.58 -32.05 -36.32
C GLY A 383 9.93 -33.51 -36.06
N ASP A 384 9.10 -34.19 -35.28
CA ASP A 384 9.24 -35.65 -35.00
C ASP A 384 7.84 -36.27 -34.92
N SER A 385 7.71 -37.50 -35.41
CA SER A 385 6.45 -38.27 -35.47
C SER A 385 6.19 -38.93 -34.11
N VAL A 386 7.18 -39.65 -33.57
CA VAL A 386 7.06 -40.41 -32.29
C VAL A 386 6.95 -39.44 -31.10
N SER A 387 7.78 -38.39 -31.08
CA SER A 387 7.72 -37.30 -30.05
C SER A 387 6.42 -36.51 -30.22
N GLY A 388 5.95 -36.37 -31.46
CA GLY A 388 4.66 -35.73 -31.80
C GLY A 388 4.67 -34.22 -31.58
N ILE A 389 5.85 -33.61 -31.49
CA ILE A 389 6.03 -32.13 -31.31
C ILE A 389 7.16 -31.66 -32.24
N CYS A 390 7.41 -30.35 -32.25
CA CYS A 390 8.59 -29.72 -32.86
C CYS A 390 9.59 -29.35 -31.76
N PHE A 391 10.88 -29.61 -31.99
CA PHE A 391 11.98 -29.31 -31.05
C PHE A 391 13.24 -28.96 -31.83
N VAL A 392 14.26 -28.50 -31.10
CA VAL A 392 15.51 -27.88 -31.64
C VAL A 392 16.53 -28.99 -31.98
N GLY A 393 17.13 -28.89 -33.17
CA GLY A 393 18.42 -29.53 -33.54
C GLY A 393 18.34 -31.03 -33.70
N TYR A 394 17.33 -31.55 -34.43
CA TYR A 394 17.18 -33.02 -34.69
C TYR A 394 18.23 -33.46 -35.71
N LYS A 395 18.34 -32.73 -36.83
CA LYS A 395 19.28 -33.04 -37.94
C LYS A 395 20.72 -32.79 -37.47
N ASN A 396 21.01 -31.54 -37.12
CA ASN A 396 22.34 -31.07 -36.64
C ASN A 396 22.29 -31.03 -35.10
N TYR A 397 22.75 -32.11 -34.45
CA TYR A 397 22.66 -32.28 -32.98
C TYR A 397 23.54 -31.26 -32.23
N ARG A 398 24.42 -30.52 -32.94
CA ARG A 398 25.23 -29.42 -32.37
C ARG A 398 24.32 -28.40 -31.69
N TYR A 399 23.29 -27.93 -32.39
CA TYR A 399 22.36 -26.86 -31.92
C TYR A 399 21.47 -27.40 -30.80
N ARG A 400 21.00 -28.65 -30.92
CA ARG A 400 20.25 -29.36 -29.85
C ARG A 400 21.11 -29.42 -28.59
N ALA A 401 22.31 -30.00 -28.71
CA ALA A 401 23.30 -30.14 -27.62
C ALA A 401 23.47 -28.77 -26.92
N GLY A 402 23.82 -27.75 -27.70
CA GLY A 402 23.98 -26.36 -27.22
C GLY A 402 22.75 -25.87 -26.49
N PHE A 403 21.66 -25.61 -27.22
CA PHE A 403 20.46 -24.89 -26.72
C PHE A 403 19.72 -25.67 -25.62
N VAL A 404 19.94 -26.99 -25.47
CA VAL A 404 19.28 -27.81 -24.41
C VAL A 404 20.29 -28.09 -23.28
N LEU A 405 21.39 -28.77 -23.56
CA LEU A 405 22.30 -29.30 -22.50
C LEU A 405 23.11 -28.16 -21.85
N ALA A 406 23.30 -27.03 -22.53
CA ALA A 406 24.05 -25.88 -21.95
C ALA A 406 23.21 -25.19 -20.88
N PRO A 407 21.94 -24.78 -21.13
CA PRO A 407 21.09 -24.29 -20.04
C PRO A 407 20.90 -25.30 -18.91
N ILE A 408 20.62 -26.57 -19.22
CA ILE A 408 20.33 -27.65 -18.22
C ILE A 408 21.58 -27.92 -17.38
N GLY A 409 22.75 -28.06 -18.01
CA GLY A 409 24.04 -28.18 -17.31
C GLY A 409 24.30 -26.98 -16.42
N LEU A 410 24.12 -25.77 -16.96
CA LEU A 410 24.35 -24.48 -16.25
C LEU A 410 23.46 -24.42 -14.99
N VAL A 411 22.16 -24.65 -15.15
CA VAL A 411 21.17 -24.59 -14.02
C VAL A 411 21.48 -25.70 -13.01
N LEU A 412 21.95 -26.87 -13.47
CA LEU A 412 22.42 -27.94 -12.54
C LEU A 412 23.51 -27.36 -11.62
N ILE A 413 24.53 -26.72 -12.22
CA ILE A 413 25.71 -26.19 -11.47
C ILE A 413 25.22 -25.13 -10.46
N VAL A 414 24.43 -24.16 -10.92
CA VAL A 414 24.02 -22.97 -10.11
C VAL A 414 23.04 -23.44 -9.02
N GLY A 415 21.99 -24.18 -9.41
CA GLY A 415 21.00 -24.75 -8.48
C GLY A 415 21.66 -25.62 -7.42
N GLY A 416 22.48 -26.58 -7.86
CA GLY A 416 23.25 -27.48 -6.97
C GLY A 416 24.09 -26.71 -5.95
N TYR A 417 24.83 -25.70 -6.41
CA TYR A 417 25.67 -24.81 -5.57
C TYR A 417 24.78 -24.17 -4.48
N PHE A 418 23.76 -23.41 -4.89
CA PHE A 418 22.85 -22.68 -3.97
C PHE A 418 22.16 -23.64 -3.00
N LEU A 419 21.75 -24.81 -3.48
CA LEU A 419 21.06 -25.84 -2.65
C LEU A 419 22.02 -26.36 -1.58
N ILE A 420 23.26 -26.69 -1.94
CA ILE A 420 24.31 -27.15 -0.98
C ILE A 420 24.55 -26.06 0.08
N ARG A 421 24.66 -24.79 -0.35
CA ARG A 421 24.86 -23.63 0.56
C ARG A 421 23.67 -23.49 1.51
N GLY A 422 22.44 -23.64 0.99
CA GLY A 422 21.20 -23.60 1.79
C GLY A 422 21.16 -24.69 2.85
N VAL A 423 21.47 -25.93 2.47
CA VAL A 423 21.47 -27.11 3.39
C VAL A 423 22.56 -26.92 4.46
N MET A 424 23.76 -26.47 4.06
CA MET A 424 24.88 -26.18 5.00
C MET A 424 24.47 -25.10 6.00
N THR A 425 23.79 -24.03 5.53
CA THR A 425 23.25 -22.95 6.39
C THR A 425 22.30 -23.57 7.42
N LEU A 426 21.27 -24.30 6.96
CA LEU A 426 20.25 -24.95 7.84
C LEU A 426 20.94 -25.87 8.86
N PHE A 427 22.00 -26.57 8.46
CA PHE A 427 22.79 -27.46 9.35
C PHE A 427 23.50 -26.63 10.43
N SER A 428 24.12 -25.51 10.05
CA SER A 428 24.95 -24.66 10.94
C SER A 428 24.09 -23.80 11.89
N ILE A 429 22.83 -23.53 11.55
CA ILE A 429 21.92 -22.65 12.35
C ILE A 429 21.73 -23.23 13.75
N LYS A 430 21.59 -24.55 13.89
CA LYS A 430 21.33 -25.24 15.18
C LYS A 430 22.42 -24.88 16.19
N SER A 431 23.69 -24.83 15.75
CA SER A 431 24.87 -24.51 16.60
C SER A 431 25.07 -22.99 16.72
N ASN A 432 24.92 -22.25 15.61
CA ASN A 432 25.21 -20.79 15.52
C ASN A 432 24.02 -19.95 16.03
N HIS A 433 22.95 -20.56 16.55
CA HIS A 433 21.83 -19.87 17.24
C HIS A 433 22.20 -19.73 18.73
N PRO A 434 22.31 -18.49 19.27
CA PRO A 434 22.73 -18.30 20.66
C PRO A 434 21.64 -18.43 21.74
N GLY A 435 20.46 -18.98 21.40
CA GLY A 435 19.28 -18.98 22.27
C GLY A 435 18.53 -20.29 22.29
N LEU A 436 19.23 -21.44 22.31
CA LEU A 436 18.66 -22.79 22.57
C LEU A 436 17.32 -22.92 21.84
N LEU A 437 17.35 -23.09 20.51
CA LEU A 437 16.11 -23.19 19.69
C LEU A 437 15.38 -24.47 20.10
N SER A 438 14.04 -24.40 20.20
CA SER A 438 13.18 -25.46 20.77
C SER A 438 13.31 -26.74 19.92
N GLU A 439 12.84 -27.86 20.49
CA GLU A 439 12.89 -29.20 19.85
C GLU A 439 12.02 -29.19 18.59
N LYS A 440 10.92 -28.42 18.60
CA LYS A 440 9.98 -28.28 17.45
C LYS A 440 10.69 -27.58 16.29
N ALA A 441 11.40 -26.47 16.56
CA ALA A 441 12.16 -25.69 15.55
C ALA A 441 13.26 -26.57 14.95
N ALA A 442 14.00 -27.31 15.78
CA ALA A 442 15.07 -28.26 15.38
C ALA A 442 14.46 -29.37 14.50
N SER A 443 13.32 -29.92 14.91
CA SER A 443 12.56 -30.97 14.16
C SER A 443 12.21 -30.46 12.75
N LYS A 444 11.67 -29.24 12.64
CA LYS A 444 11.26 -28.63 11.35
C LYS A 444 12.49 -28.31 10.49
N ILE A 445 13.58 -27.82 11.09
CA ILE A 445 14.85 -27.55 10.36
C ILE A 445 15.38 -28.87 9.77
N ASN A 446 15.41 -29.94 10.57
CA ASN A 446 15.91 -31.28 10.15
C ASN A 446 15.04 -31.84 9.03
N GLU A 447 13.71 -31.73 9.15
CA GLU A 447 12.73 -32.18 8.14
C GLU A 447 12.94 -31.39 6.83
N THR A 448 13.21 -30.09 6.93
CA THR A 448 13.47 -29.20 5.77
C THR A 448 14.79 -29.61 5.09
N MET A 449 15.85 -29.83 5.87
CA MET A 449 17.18 -30.29 5.38
C MET A 449 17.00 -31.62 4.61
N LEU A 450 16.22 -32.55 5.17
CA LEU A 450 15.90 -33.85 4.52
C LEU A 450 15.24 -33.59 3.16
N ARG A 451 14.16 -32.79 3.14
CA ARG A 451 13.41 -32.47 1.89
C ARG A 451 14.36 -31.86 0.85
N LEU A 452 15.18 -30.88 1.24
CA LEU A 452 16.14 -30.20 0.34
C LEU A 452 17.14 -31.22 -0.22
N GLY A 453 17.71 -32.06 0.66
CA GLY A 453 18.68 -33.10 0.29
C GLY A 453 18.14 -34.06 -0.76
N ILE A 454 16.96 -34.63 -0.51
CA ILE A 454 16.31 -35.64 -1.41
C ILE A 454 15.93 -34.95 -2.73
N PHE A 455 15.45 -33.70 -2.66
CA PHE A 455 15.01 -32.91 -3.85
C PHE A 455 16.23 -32.57 -4.71
N GLY A 456 17.33 -32.16 -4.09
CA GLY A 456 18.63 -31.92 -4.76
C GLY A 456 19.12 -33.16 -5.49
N PHE A 457 19.09 -34.32 -4.82
CA PHE A 457 19.48 -35.63 -5.41
C PHE A 457 18.52 -36.02 -6.54
N LEU A 458 17.23 -35.67 -6.41
CA LEU A 458 16.23 -35.98 -7.46
C LEU A 458 16.51 -35.15 -8.71
N ALA A 459 16.78 -33.85 -8.55
CA ALA A 459 17.16 -32.93 -9.65
C ALA A 459 18.45 -33.42 -10.32
N PHE A 460 19.44 -33.81 -9.52
CA PHE A 460 20.75 -34.34 -10.00
C PHE A 460 20.51 -35.62 -10.82
N GLY A 461 19.74 -36.56 -10.27
CA GLY A 461 19.34 -37.82 -10.94
C GLY A 461 18.72 -37.53 -12.30
N PHE A 462 17.76 -36.60 -12.36
CA PHE A 462 17.02 -36.23 -13.60
C PHE A 462 17.97 -35.63 -14.64
N VAL A 463 18.85 -34.72 -14.22
CA VAL A 463 19.88 -34.12 -15.12
C VAL A 463 20.78 -35.24 -15.66
N LEU A 464 21.23 -36.17 -14.79
CA LEU A 464 22.07 -37.32 -15.20
C LEU A 464 21.35 -38.15 -16.27
N ILE A 465 20.07 -38.49 -16.03
CA ILE A 465 19.25 -39.31 -16.98
C ILE A 465 19.19 -38.60 -18.34
N THR A 466 18.84 -37.31 -18.32
CA THR A 466 18.81 -36.42 -19.53
C THR A 466 20.12 -36.56 -20.30
N PHE A 467 21.23 -36.22 -19.66
CA PHE A 467 22.59 -36.17 -20.27
C PHE A 467 22.94 -37.54 -20.85
N SER A 468 22.72 -38.61 -20.08
CA SER A 468 23.00 -40.02 -20.48
C SER A 468 22.22 -40.36 -21.77
N CYS A 469 20.92 -40.07 -21.79
CA CYS A 469 20.00 -40.31 -22.95
C CYS A 469 20.47 -39.51 -24.17
N HIS A 470 20.76 -38.23 -23.99
CA HIS A 470 21.23 -37.29 -25.05
C HIS A 470 22.50 -37.84 -25.70
N PHE A 471 23.49 -38.25 -24.89
CA PHE A 471 24.81 -38.75 -25.35
C PHE A 471 24.66 -40.11 -26.04
N TYR A 472 23.82 -40.98 -25.52
CA TYR A 472 23.48 -42.27 -26.17
C TYR A 472 22.94 -42.01 -27.59
N ASP A 473 22.01 -41.04 -27.72
CA ASP A 473 21.41 -40.65 -29.03
C ASP A 473 22.46 -40.00 -29.93
N PHE A 474 23.30 -39.11 -29.38
CA PHE A 474 24.41 -38.43 -30.12
C PHE A 474 25.37 -39.47 -30.72
N PHE A 475 25.58 -40.59 -30.02
CA PHE A 475 26.52 -41.67 -30.45
C PHE A 475 25.84 -42.64 -31.42
N ASN A 476 24.58 -43.01 -31.17
CA ASN A 476 23.87 -44.03 -32.00
C ASN A 476 23.51 -43.45 -33.37
N GLN A 477 23.21 -42.15 -33.46
CA GLN A 477 22.73 -41.49 -34.70
C GLN A 477 23.74 -41.68 -35.84
N ALA A 478 25.04 -41.55 -35.55
CA ALA A 478 26.15 -41.65 -36.53
C ALA A 478 26.16 -43.04 -37.18
N GLU A 479 25.84 -44.08 -36.42
CA GLU A 479 25.72 -45.48 -36.94
C GLU A 479 24.38 -45.67 -37.64
N TRP A 480 23.29 -45.12 -37.09
CA TRP A 480 21.90 -45.35 -37.58
C TRP A 480 21.69 -44.73 -38.97
N GLU A 481 22.19 -43.51 -39.18
CA GLU A 481 22.11 -42.77 -40.48
C GLU A 481 22.70 -43.63 -41.61
N ARG A 482 23.70 -44.47 -41.33
CA ARG A 482 24.36 -45.38 -42.30
C ARG A 482 23.63 -46.72 -42.37
N SER A 483 23.36 -47.36 -41.23
CA SER A 483 22.75 -48.72 -41.16
C SER A 483 21.36 -48.72 -41.82
N PHE A 484 20.56 -47.66 -41.61
CA PHE A 484 19.21 -47.52 -42.22
C PHE A 484 19.34 -47.45 -43.74
N ARG A 485 20.25 -46.61 -44.25
CA ARG A 485 20.47 -46.42 -45.72
C ARG A 485 20.93 -47.75 -46.35
N ASP A 486 21.75 -48.52 -45.62
CA ASP A 486 22.23 -49.86 -46.05
C ASP A 486 21.04 -50.82 -46.10
N TYR A 487 20.19 -50.82 -45.07
CA TYR A 487 18.99 -51.71 -44.97
C TYR A 487 18.00 -51.41 -46.09
N VAL A 488 17.86 -50.14 -46.51
CA VAL A 488 16.93 -49.73 -47.61
C VAL A 488 17.62 -49.95 -48.97
N LEU A 489 18.94 -49.76 -49.06
CA LEU A 489 19.73 -50.10 -50.30
C LEU A 489 19.58 -51.59 -50.59
N CYS A 490 19.47 -52.45 -49.56
CA CYS A 490 19.20 -53.90 -49.70
C CYS A 490 17.98 -54.11 -50.61
N GLN A 491 16.82 -53.56 -50.22
CA GLN A 491 15.55 -53.67 -50.99
C GLN A 491 15.70 -52.94 -52.34
N ALA A 492 16.42 -51.82 -52.38
CA ALA A 492 16.72 -51.04 -53.61
C ALA A 492 17.36 -51.95 -54.65
N ASN A 493 18.43 -52.67 -54.28
CA ASN A 493 19.19 -53.60 -55.18
C ASN A 493 18.36 -54.86 -55.45
N VAL A 494 17.52 -55.30 -54.51
CA VAL A 494 16.61 -56.48 -54.70
C VAL A 494 15.54 -56.14 -55.74
N THR A 495 15.04 -54.90 -55.76
CA THR A 495 13.98 -54.43 -56.71
C THR A 495 14.48 -54.59 -58.16
N ILE A 496 15.71 -54.15 -58.43
CA ILE A 496 16.38 -54.22 -59.77
C ILE A 496 17.06 -55.60 -59.90
N PRO A 513 17.24 -47.95 -34.20
CA PRO A 513 17.33 -47.31 -32.89
C PRO A 513 16.63 -48.06 -31.74
N SER A 514 16.73 -47.48 -30.53
CA SER A 514 16.14 -48.00 -29.27
C SER A 514 15.09 -47.03 -28.76
N LEU A 515 13.83 -47.47 -28.65
CA LEU A 515 12.68 -46.66 -28.17
C LEU A 515 12.79 -46.43 -26.66
N LEU A 516 13.48 -47.30 -25.92
CA LEU A 516 13.56 -47.24 -24.44
C LEU A 516 14.12 -45.88 -23.99
N VAL A 517 15.17 -45.39 -24.65
CA VAL A 517 15.96 -44.19 -24.22
C VAL A 517 15.07 -42.95 -24.35
N GLU A 518 14.24 -42.90 -25.40
CA GLU A 518 13.21 -41.85 -25.62
C GLU A 518 12.28 -41.80 -24.40
N LYS A 519 11.69 -42.95 -24.06
CA LYS A 519 10.75 -43.11 -22.92
C LYS A 519 11.44 -42.65 -21.63
N ILE A 520 12.69 -43.08 -21.40
CA ILE A 520 13.49 -42.73 -20.19
C ILE A 520 13.68 -41.20 -20.13
N ASN A 521 13.99 -40.56 -21.26
CA ASN A 521 14.24 -39.09 -21.32
C ASN A 521 12.94 -38.32 -21.04
N LEU A 522 11.83 -38.73 -21.65
CA LEU A 522 10.50 -38.09 -21.45
C LEU A 522 10.07 -38.33 -20.00
N PHE A 523 10.36 -39.52 -19.44
CA PHE A 523 10.18 -39.83 -18.00
C PHE A 523 11.00 -38.84 -17.14
N ALA A 524 12.24 -38.55 -17.52
CA ALA A 524 13.12 -37.57 -16.81
C ALA A 524 12.41 -36.22 -16.72
N MET A 525 11.90 -35.71 -17.85
CA MET A 525 11.24 -34.38 -17.91
C MET A 525 9.92 -34.38 -17.13
N PHE A 526 9.06 -35.38 -17.33
CA PHE A 526 7.72 -35.45 -16.68
C PHE A 526 7.90 -35.67 -15.17
N GLY A 527 8.83 -36.54 -14.78
CA GLY A 527 9.26 -36.76 -13.39
C GLY A 527 9.76 -35.47 -12.75
N THR A 528 10.52 -34.65 -13.48
CA THR A 528 10.94 -33.29 -13.05
C THR A 528 9.68 -32.48 -12.72
N GLY A 529 8.72 -32.42 -13.64
CA GLY A 529 7.42 -31.72 -13.46
C GLY A 529 6.71 -32.19 -12.20
N ILE A 530 6.63 -33.51 -11.99
CA ILE A 530 5.94 -34.13 -10.81
C ILE A 530 6.71 -33.79 -9.53
N ALA A 531 8.05 -33.82 -9.56
CA ALA A 531 8.93 -33.51 -8.41
C ALA A 531 8.86 -32.01 -8.06
N MET A 532 8.52 -31.15 -9.02
CA MET A 532 8.22 -29.72 -8.76
C MET A 532 6.82 -29.59 -8.13
N SER A 533 5.88 -30.43 -8.56
CA SER A 533 4.48 -30.46 -8.03
C SER A 533 4.44 -30.97 -6.59
N THR A 534 5.27 -31.97 -6.25
CA THR A 534 5.22 -32.71 -4.95
C THR A 534 5.61 -31.84 -3.75
N TRP A 535 6.13 -30.62 -3.96
CA TRP A 535 6.58 -29.71 -2.88
C TRP A 535 5.42 -29.27 -1.97
N VAL A 536 4.19 -29.23 -2.49
CA VAL A 536 3.00 -28.65 -1.79
C VAL A 536 2.25 -29.71 -0.98
N TRP A 537 2.74 -30.96 -0.92
CA TRP A 537 2.07 -32.07 -0.20
C TRP A 537 2.31 -31.93 1.30
N THR A 538 1.38 -31.28 2.01
CA THR A 538 1.39 -31.04 3.47
C THR A 538 0.29 -31.88 4.13
N LEU B 5 2.57 15.95 -19.01
CA LEU B 5 3.18 16.68 -17.85
C LEU B 5 3.82 18.00 -18.32
N SER B 6 3.94 18.97 -17.41
CA SER B 6 4.60 20.28 -17.61
C SER B 6 5.88 20.35 -16.76
N ALA B 7 6.56 21.50 -16.78
CA ALA B 7 7.81 21.77 -16.05
C ALA B 7 7.62 21.54 -14.55
N GLU B 8 6.45 21.89 -13.99
CA GLU B 8 6.16 21.82 -12.53
C GLU B 8 5.56 20.45 -12.16
N ASP B 9 4.71 19.87 -13.02
CA ASP B 9 4.08 18.54 -12.79
C ASP B 9 5.19 17.48 -12.73
N LYS B 10 6.21 17.59 -13.57
CA LYS B 10 7.38 16.67 -13.60
C LYS B 10 8.14 16.74 -12.27
N ALA B 11 8.40 17.95 -11.76
CA ALA B 11 9.10 18.19 -10.47
C ALA B 11 8.23 17.69 -9.30
N ALA B 12 6.90 17.85 -9.40
CA ALA B 12 5.93 17.34 -8.41
C ALA B 12 5.98 15.80 -8.37
N VAL B 13 6.00 15.15 -9.54
CA VAL B 13 6.13 13.67 -9.67
C VAL B 13 7.48 13.22 -9.10
N GLU B 14 8.56 13.98 -9.37
CA GLU B 14 9.92 13.68 -8.82
C GLU B 14 9.86 13.71 -7.28
N ARG B 15 9.26 14.76 -6.71
CA ARG B 15 9.07 14.90 -5.24
C ARG B 15 8.27 13.69 -4.73
N SER B 16 7.16 13.34 -5.40
CA SER B 16 6.29 12.17 -5.06
C SER B 16 7.15 10.91 -4.98
N LYS B 17 7.97 10.65 -6.00
CA LYS B 17 8.86 9.45 -6.09
C LYS B 17 9.88 9.47 -4.95
N MET B 18 10.48 10.63 -4.66
CA MET B 18 11.54 10.78 -3.63
C MET B 18 10.96 10.50 -2.23
N ILE B 19 9.79 11.06 -1.91
CA ILE B 19 9.15 10.85 -0.57
C ILE B 19 8.59 9.42 -0.51
N ASP B 20 8.18 8.84 -1.64
CA ASP B 20 7.76 7.41 -1.74
C ASP B 20 8.96 6.51 -1.41
N ARG B 21 10.15 6.85 -1.94
CA ARG B 21 11.42 6.11 -1.65
C ARG B 21 11.74 6.18 -0.16
N ASN B 22 11.69 7.38 0.43
CA ASN B 22 11.94 7.61 1.88
C ASN B 22 10.91 6.84 2.71
N LEU B 23 9.64 6.84 2.28
CA LEU B 23 8.51 6.11 2.92
C LEU B 23 8.81 4.60 2.93
N ARG B 24 9.25 4.05 1.79
CA ARG B 24 9.60 2.61 1.64
C ARG B 24 10.79 2.26 2.57
N GLU B 25 11.83 3.09 2.60
CA GLU B 25 13.04 2.87 3.43
C GLU B 25 12.67 2.88 4.92
N ASP B 26 11.85 3.86 5.35
CA ASP B 26 11.33 3.96 6.74
C ASP B 26 10.51 2.70 7.07
N GLY B 27 9.68 2.26 6.11
CA GLY B 27 8.83 1.05 6.25
C GLY B 27 9.64 -0.21 6.46
N GLU B 28 10.67 -0.44 5.62
CA GLU B 28 11.53 -1.66 5.69
C GLU B 28 12.44 -1.59 6.92
N LYS B 29 12.80 -0.39 7.39
CA LYS B 29 13.62 -0.20 8.61
C LYS B 29 12.77 -0.52 9.86
N ALA B 30 11.51 -0.06 9.91
CA ALA B 30 10.61 -0.20 11.08
C ALA B 30 9.95 -1.58 11.10
N ALA B 31 9.90 -2.30 9.98
CA ALA B 31 9.26 -3.64 9.85
C ALA B 31 10.22 -4.76 10.30
N ARG B 32 11.49 -4.45 10.60
CA ARG B 32 12.50 -5.45 11.07
C ARG B 32 12.58 -5.47 12.60
N GLU B 33 11.90 -4.56 13.29
CA GLU B 33 11.82 -4.57 14.78
C GLU B 33 10.66 -5.47 15.20
N VAL B 34 10.93 -6.40 16.11
CA VAL B 34 9.90 -7.34 16.64
C VAL B 34 9.04 -6.56 17.64
N LYS B 35 7.72 -6.65 17.48
CA LYS B 35 6.72 -5.96 18.32
C LYS B 35 6.04 -7.01 19.21
N LEU B 36 5.79 -6.65 20.48
CA LEU B 36 5.17 -7.54 21.49
C LEU B 36 4.11 -6.74 22.26
N LEU B 37 2.85 -7.16 22.17
CA LEU B 37 1.76 -6.60 23.00
C LEU B 37 1.94 -7.10 24.43
N LEU B 38 1.97 -6.19 25.40
CA LEU B 38 2.10 -6.52 26.85
C LEU B 38 0.71 -6.39 27.49
N LEU B 39 0.09 -7.53 27.79
CA LEU B 39 -1.20 -7.58 28.53
C LEU B 39 -0.95 -8.08 29.94
N GLY B 40 -2.03 -8.23 30.71
CA GLY B 40 -2.02 -8.73 32.09
C GLY B 40 -3.26 -8.31 32.82
N ALA B 41 -3.56 -8.97 33.94
CA ALA B 41 -4.68 -8.64 34.85
C ALA B 41 -4.45 -7.26 35.46
N GLY B 42 -5.50 -6.67 36.03
CA GLY B 42 -5.46 -5.34 36.70
C GLY B 42 -4.56 -5.38 37.92
N GLU B 43 -3.47 -4.61 37.90
CA GLU B 43 -2.45 -4.51 39.00
C GLU B 43 -1.80 -5.89 39.21
N SER B 44 -1.29 -6.48 38.12
CA SER B 44 -0.45 -7.72 38.14
C SER B 44 1.02 -7.31 38.14
N GLY B 45 1.95 -8.26 37.91
CA GLY B 45 3.41 -8.01 37.94
C GLY B 45 3.94 -7.47 36.62
N LYS B 46 3.21 -6.56 35.98
CA LYS B 46 3.58 -5.97 34.66
C LYS B 46 4.81 -5.09 34.84
N SER B 47 4.83 -4.30 35.92
CA SER B 47 5.93 -3.36 36.31
C SER B 47 7.28 -4.10 36.36
N THR B 48 7.31 -5.29 36.97
CA THR B 48 8.54 -6.10 37.17
C THR B 48 9.14 -6.49 35.82
N ILE B 49 8.33 -7.02 34.90
CA ILE B 49 8.79 -7.55 33.60
C ILE B 49 9.10 -6.38 32.65
N VAL B 50 8.40 -5.25 32.75
CA VAL B 50 8.66 -4.06 31.88
C VAL B 50 9.95 -3.36 32.36
N LYS B 51 10.28 -3.42 33.66
CA LYS B 51 11.51 -2.77 34.21
C LYS B 51 12.72 -3.69 34.06
N GLN B 52 12.55 -5.01 34.15
CA GLN B 52 13.67 -6.00 34.03
C GLN B 52 14.18 -6.05 32.58
N MET B 53 13.27 -6.06 31.61
CA MET B 53 13.58 -6.28 30.17
C MET B 53 14.13 -5.00 29.52
N LYS B 54 14.25 -3.89 30.28
CA LYS B 54 14.92 -2.64 29.83
C LYS B 54 16.06 -2.32 30.81
N GLY B 183 -2.00 7.22 28.39
CA GLY B 183 -2.34 6.55 27.12
C GLY B 183 -1.57 5.25 26.94
N ILE B 184 -1.18 4.93 25.71
CA ILE B 184 -0.31 3.75 25.40
C ILE B 184 1.12 4.08 25.84
N VAL B 185 1.88 3.06 26.24
CA VAL B 185 3.31 3.16 26.64
C VAL B 185 4.11 2.20 25.77
N GLU B 186 5.18 2.70 25.16
CA GLU B 186 6.08 1.95 24.24
C GLU B 186 7.49 1.95 24.84
N THR B 187 8.07 0.75 25.02
CA THR B 187 9.45 0.55 25.53
C THR B 187 10.23 -0.22 24.46
N HIS B 188 11.27 0.42 23.91
CA HIS B 188 12.15 -0.13 22.85
C HIS B 188 13.46 -0.58 23.49
N PHE B 189 13.70 -1.89 23.54
CA PHE B 189 14.97 -2.50 24.01
C PHE B 189 15.50 -3.47 22.96
N THR B 190 16.80 -3.72 23.00
CA THR B 190 17.54 -4.62 22.09
C THR B 190 18.18 -5.73 22.93
N PHE B 191 18.32 -6.92 22.33
CA PHE B 191 18.96 -8.09 22.98
C PHE B 191 19.50 -9.05 21.90
N LYS B 192 20.83 -9.15 21.81
CA LYS B 192 21.56 -10.03 20.85
C LYS B 192 21.14 -9.68 19.42
N ASP B 193 21.28 -8.41 19.04
CA ASP B 193 21.03 -7.88 17.68
C ASP B 193 19.57 -8.13 17.27
N LEU B 194 18.64 -8.06 18.23
CA LEU B 194 17.18 -8.14 17.98
C LEU B 194 16.49 -7.02 18.75
N HIS B 195 15.87 -6.08 18.03
CA HIS B 195 15.23 -4.85 18.56
C HIS B 195 13.76 -5.14 18.88
N PHE B 196 13.44 -5.23 20.18
CA PHE B 196 12.08 -5.51 20.71
C PHE B 196 11.35 -4.18 20.96
N LYS B 197 10.03 -4.20 20.73
CA LYS B 197 9.11 -3.07 21.05
C LYS B 197 7.92 -3.63 21.83
N MET B 198 7.83 -3.32 23.12
CA MET B 198 6.71 -3.76 24.00
C MET B 198 5.73 -2.60 24.17
N PHE B 199 4.46 -2.82 23.79
CA PHE B 199 3.37 -1.83 23.87
C PHE B 199 2.52 -2.12 25.12
N ASP B 200 2.94 -1.60 26.27
CA ASP B 200 2.15 -1.67 27.53
C ASP B 200 0.90 -0.81 27.36
N VAL B 201 -0.23 -1.45 27.04
CA VAL B 201 -1.51 -0.77 26.67
C VAL B 201 -2.49 -0.78 27.85
N GLY B 202 -2.29 -1.65 28.86
CA GLY B 202 -3.22 -1.86 29.99
C GLY B 202 -3.55 -0.59 30.77
N GLY B 203 -2.79 0.50 30.59
CA GLY B 203 -3.08 1.83 31.17
C GLY B 203 -4.32 2.49 30.58
N GLN B 204 -4.95 1.90 29.56
CA GLN B 204 -6.11 2.46 28.83
C GLN B 204 -7.41 1.82 29.36
N ARG B 205 -8.27 2.64 29.98
CA ARG B 205 -9.60 2.24 30.51
C ARG B 205 -10.67 2.59 29.49
N SER B 206 -10.94 1.66 28.57
CA SER B 206 -11.99 1.76 27.52
C SER B 206 -12.38 0.36 27.05
N GLU B 207 -13.22 0.27 26.02
CA GLU B 207 -13.67 -1.01 25.43
C GLU B 207 -12.49 -1.65 24.70
N ARG B 208 -11.89 -2.69 25.30
CA ARG B 208 -10.69 -3.39 24.76
C ARG B 208 -10.99 -3.94 23.36
N LYS B 209 -12.24 -4.37 23.09
CA LYS B 209 -12.64 -4.94 21.78
C LYS B 209 -12.62 -3.88 20.67
N LYS B 210 -12.51 -2.58 21.02
CA LYS B 210 -12.62 -1.46 20.05
C LYS B 210 -11.25 -0.96 19.54
N TRP B 211 -10.14 -1.38 20.17
CA TRP B 211 -8.77 -1.00 19.73
C TRP B 211 -7.83 -2.21 19.67
N ILE B 212 -8.27 -3.43 20.02
CA ILE B 212 -7.37 -4.62 20.12
C ILE B 212 -6.97 -5.08 18.71
N HIS B 213 -7.81 -4.82 17.71
CA HIS B 213 -7.57 -5.17 16.28
C HIS B 213 -6.42 -4.33 15.69
N CYS B 214 -6.02 -3.23 16.35
CA CYS B 214 -4.82 -2.42 15.97
C CYS B 214 -3.54 -3.26 16.20
N PHE B 215 -3.58 -4.22 17.11
CA PHE B 215 -2.41 -5.04 17.55
C PHE B 215 -2.36 -6.41 16.86
N GLU B 216 -3.21 -6.66 15.84
CA GLU B 216 -3.10 -7.91 15.02
C GLU B 216 -1.85 -7.77 14.14
N GLY B 217 -1.19 -8.90 13.86
CA GLY B 217 0.10 -8.94 13.14
C GLY B 217 1.29 -8.67 14.06
N VAL B 218 1.05 -8.46 15.36
CA VAL B 218 2.12 -8.39 16.40
C VAL B 218 2.75 -9.78 16.50
N THR B 219 4.04 -9.86 16.82
CA THR B 219 4.81 -11.12 16.83
C THR B 219 4.29 -12.03 17.95
N ALA B 220 4.41 -11.58 19.21
CA ALA B 220 3.97 -12.31 20.42
C ALA B 220 3.04 -11.44 21.25
N ILE B 221 2.41 -12.05 22.26
CA ILE B 221 1.60 -11.37 23.31
C ILE B 221 2.17 -11.75 24.67
N ILE B 222 3.01 -10.90 25.25
CA ILE B 222 3.53 -11.10 26.64
C ILE B 222 2.34 -10.90 27.58
N PHE B 223 1.91 -11.99 28.23
CA PHE B 223 0.77 -12.04 29.16
C PHE B 223 1.30 -12.42 30.54
N CYS B 224 1.52 -11.42 31.41
CA CYS B 224 1.98 -11.63 32.80
C CYS B 224 0.76 -11.86 33.71
N VAL B 225 0.86 -12.86 34.59
CA VAL B 225 -0.18 -13.26 35.58
C VAL B 225 0.49 -13.29 36.96
N ALA B 226 0.01 -12.46 37.88
CA ALA B 226 0.47 -12.42 39.30
C ALA B 226 0.09 -13.74 39.97
N LEU B 227 1.06 -14.66 40.10
CA LEU B 227 0.85 -16.03 40.63
C LEU B 227 0.47 -15.98 42.11
N SER B 228 0.80 -14.89 42.81
CA SER B 228 0.61 -14.72 44.27
C SER B 228 -0.84 -14.38 44.64
N ASP B 229 -1.71 -14.04 43.68
CA ASP B 229 -3.11 -13.62 43.94
C ASP B 229 -4.10 -14.76 43.68
N TYR B 230 -3.68 -16.01 43.89
CA TYR B 230 -4.55 -17.22 43.79
C TYR B 230 -5.71 -17.14 44.81
N ASP B 231 -5.55 -16.37 45.90
CA ASP B 231 -6.54 -16.24 47.00
C ASP B 231 -7.19 -14.85 47.03
N LEU B 232 -6.44 -13.78 46.74
CA LEU B 232 -6.90 -12.36 46.84
C LEU B 232 -8.08 -12.12 45.88
N VAL B 233 -8.95 -11.17 46.24
CA VAL B 233 -10.19 -10.81 45.49
C VAL B 233 -10.17 -9.31 45.18
N ASN B 241 -12.56 -14.66 42.27
CA ASN B 241 -11.36 -13.97 42.83
C ASN B 241 -10.64 -13.23 41.69
N ARG B 242 -9.35 -12.91 41.85
CA ARG B 242 -8.52 -12.18 40.85
C ARG B 242 -7.91 -13.17 39.86
N MET B 243 -7.50 -14.36 40.34
CA MET B 243 -6.90 -15.43 39.49
C MET B 243 -7.91 -15.85 38.40
N HIS B 244 -9.18 -16.05 38.78
CA HIS B 244 -10.29 -16.40 37.85
C HIS B 244 -10.53 -15.25 36.86
N GLU B 245 -10.40 -13.99 37.30
CA GLU B 245 -10.54 -12.79 36.43
C GLU B 245 -9.39 -12.75 35.41
N SER B 246 -8.16 -13.05 35.84
CA SER B 246 -6.98 -13.16 34.96
C SER B 246 -7.16 -14.31 33.96
N MET B 247 -7.73 -15.43 34.43
CA MET B 247 -8.11 -16.59 33.57
C MET B 247 -9.14 -16.16 32.52
N LYS B 248 -10.16 -15.40 32.93
CA LYS B 248 -11.19 -14.82 32.01
C LYS B 248 -10.50 -13.99 30.93
N LEU B 249 -9.61 -13.06 31.31
CA LEU B 249 -8.87 -12.18 30.38
C LEU B 249 -8.04 -13.04 29.42
N PHE B 250 -7.30 -14.01 29.94
CA PHE B 250 -6.45 -14.93 29.12
C PHE B 250 -7.34 -15.67 28.11
N ASP B 251 -8.44 -16.27 28.58
CA ASP B 251 -9.40 -17.04 27.74
C ASP B 251 -9.98 -16.12 26.65
N SER B 252 -10.29 -14.87 26.99
CA SER B 252 -10.88 -13.85 26.07
C SER B 252 -9.87 -13.47 24.97
N ILE B 253 -8.60 -13.24 25.33
CA ILE B 253 -7.58 -12.68 24.40
C ILE B 253 -6.90 -13.79 23.61
N CYS B 254 -6.70 -14.98 24.20
CA CYS B 254 -6.02 -16.12 23.55
C CYS B 254 -6.87 -16.67 22.40
N ASN B 255 -8.20 -16.66 22.57
CA ASN B 255 -9.17 -17.20 21.57
C ASN B 255 -9.90 -16.05 20.87
N ASN B 256 -9.20 -14.94 20.61
CA ASN B 256 -9.75 -13.77 19.88
C ASN B 256 -9.67 -14.04 18.38
N LYS B 257 -10.41 -13.28 17.58
CA LYS B 257 -10.45 -13.41 16.09
C LYS B 257 -9.09 -13.07 15.49
N TRP B 258 -8.38 -12.08 16.06
CA TRP B 258 -7.17 -11.45 15.48
C TRP B 258 -5.92 -12.25 15.88
N PHE B 259 -5.87 -12.71 17.13
CA PHE B 259 -4.71 -13.43 17.74
C PHE B 259 -4.90 -14.94 17.63
N THR B 260 -5.46 -15.40 16.50
CA THR B 260 -5.70 -16.84 16.21
C THR B 260 -4.37 -17.56 15.93
N ASP B 261 -3.29 -16.84 15.61
CA ASP B 261 -1.99 -17.44 15.22
C ASP B 261 -0.80 -16.85 16.01
N THR B 262 -0.97 -15.73 16.73
CA THR B 262 0.13 -15.06 17.47
C THR B 262 0.39 -15.83 18.77
N SER B 263 1.58 -16.42 18.90
CA SER B 263 2.00 -17.20 20.09
C SER B 263 2.02 -16.29 21.32
N ILE B 264 1.63 -16.83 22.48
CA ILE B 264 1.55 -16.08 23.77
C ILE B 264 2.73 -16.49 24.64
N ILE B 265 3.47 -15.49 25.16
CA ILE B 265 4.56 -15.68 26.15
C ILE B 265 3.98 -15.37 27.53
N LEU B 266 3.48 -16.41 28.20
CA LEU B 266 2.80 -16.31 29.52
C LEU B 266 3.87 -16.25 30.62
N PHE B 267 3.96 -15.11 31.31
CA PHE B 267 4.84 -14.94 32.50
C PHE B 267 4.01 -15.20 33.76
N LEU B 268 4.46 -16.14 34.59
CA LEU B 268 3.89 -16.38 35.94
C LEU B 268 4.83 -15.78 36.98
N ASN B 269 4.71 -14.46 37.18
CA ASN B 269 5.59 -13.64 38.05
C ASN B 269 5.06 -13.69 39.49
N LYS B 270 5.81 -13.10 40.44
CA LYS B 270 5.56 -13.16 41.90
C LYS B 270 5.60 -14.62 42.36
N LYS B 271 6.63 -15.35 41.92
CA LYS B 271 6.87 -16.78 42.24
C LYS B 271 7.30 -16.91 43.72
N ASP B 272 8.22 -16.03 44.15
CA ASP B 272 8.85 -16.08 45.50
C ASP B 272 7.81 -15.86 46.61
N LEU B 273 6.74 -15.10 46.35
CA LEU B 273 5.64 -14.90 47.34
C LEU B 273 4.74 -16.14 47.35
N PHE B 274 4.29 -16.57 46.16
CA PHE B 274 3.48 -17.79 45.94
C PHE B 274 4.16 -19.01 46.59
N GLU B 275 5.50 -19.05 46.58
CA GLU B 275 6.32 -20.13 47.20
C GLU B 275 5.82 -20.41 48.63
N GLU B 276 5.74 -19.37 49.47
CA GLU B 276 5.41 -19.47 50.91
C GLU B 276 3.91 -19.29 51.17
N LYS B 277 3.19 -18.59 50.27
CA LYS B 277 1.76 -18.20 50.48
C LYS B 277 0.87 -19.45 50.56
N ILE B 278 1.21 -20.50 49.81
CA ILE B 278 0.40 -21.76 49.69
C ILE B 278 0.53 -22.59 50.97
N LYS B 279 1.66 -22.51 51.68
CA LYS B 279 1.89 -23.21 52.97
C LYS B 279 0.93 -22.68 54.04
N LYS B 280 0.51 -21.41 53.94
CA LYS B 280 -0.43 -20.74 54.87
C LYS B 280 -1.86 -20.85 54.34
N SER B 281 -2.08 -20.45 53.07
CA SER B 281 -3.42 -20.45 52.41
C SER B 281 -3.47 -21.54 51.34
N PRO B 282 -4.31 -22.59 51.46
CA PRO B 282 -4.34 -23.66 50.46
C PRO B 282 -4.86 -23.17 49.10
N LEU B 283 -4.33 -23.73 48.01
CA LEU B 283 -4.70 -23.35 46.62
C LEU B 283 -6.10 -23.88 46.27
N THR B 284 -6.53 -24.96 46.93
CA THR B 284 -7.85 -25.64 46.74
C THR B 284 -9.03 -24.66 46.86
N ILE B 285 -8.84 -23.51 47.51
CA ILE B 285 -9.89 -22.44 47.63
C ILE B 285 -10.14 -21.82 46.25
N CYS B 286 -9.11 -21.77 45.39
CA CYS B 286 -9.16 -21.20 44.02
C CYS B 286 -9.59 -22.28 43.02
N TYR B 287 -8.98 -23.47 43.09
CA TYR B 287 -9.27 -24.64 42.23
C TYR B 287 -9.74 -25.80 43.11
N PRO B 288 -11.07 -25.91 43.42
CA PRO B 288 -11.57 -27.00 44.25
C PRO B 288 -11.41 -28.41 43.66
N GLU B 289 -11.17 -28.51 42.35
CA GLU B 289 -10.98 -29.79 41.61
C GLU B 289 -9.49 -30.20 41.60
N TYR B 290 -8.66 -29.55 42.43
CA TYR B 290 -7.20 -29.81 42.56
C TYR B 290 -6.96 -30.71 43.77
N ALA B 291 -6.64 -31.98 43.52
CA ALA B 291 -6.23 -32.99 44.54
C ALA B 291 -4.74 -33.29 44.35
N GLY B 292 -3.88 -32.40 44.86
CA GLY B 292 -2.41 -32.51 44.81
C GLY B 292 -1.76 -32.00 46.08
N SER B 293 -0.46 -32.25 46.23
CA SER B 293 0.37 -31.81 47.39
C SER B 293 0.37 -30.27 47.46
N ASN B 294 0.35 -29.70 48.66
CA ASN B 294 0.19 -28.23 48.86
C ASN B 294 1.54 -27.50 48.68
N THR B 295 2.48 -28.13 47.94
CA THR B 295 3.88 -27.66 47.70
C THR B 295 3.95 -26.80 46.42
N TYR B 296 5.01 -26.00 46.32
CA TYR B 296 5.25 -25.00 45.24
C TYR B 296 5.33 -25.70 43.88
N GLU B 297 6.20 -26.71 43.75
CA GLU B 297 6.58 -27.33 42.45
C GLU B 297 5.36 -28.00 41.80
N GLU B 298 4.36 -28.41 42.60
CA GLU B 298 3.11 -29.07 42.10
C GLU B 298 2.03 -28.02 41.85
N ALA B 299 1.80 -27.11 42.81
CA ALA B 299 0.76 -26.05 42.73
C ALA B 299 1.04 -25.13 41.53
N ALA B 300 2.29 -24.66 41.39
CA ALA B 300 2.74 -23.78 40.29
C ALA B 300 2.56 -24.48 38.94
N ALA B 301 2.94 -25.77 38.84
CA ALA B 301 2.79 -26.62 37.64
C ALA B 301 1.30 -26.80 37.32
N TYR B 302 0.45 -26.92 38.35
CA TYR B 302 -1.02 -27.04 38.18
C TYR B 302 -1.57 -25.75 37.56
N ILE B 303 -1.18 -24.58 38.10
CA ILE B 303 -1.60 -23.25 37.58
C ILE B 303 -1.17 -23.16 36.11
N GLN B 304 0.08 -23.55 35.82
CA GLN B 304 0.66 -23.57 34.44
C GLN B 304 -0.25 -24.42 33.53
N CYS B 305 -0.58 -25.64 33.95
CA CYS B 305 -1.41 -26.61 33.19
C CYS B 305 -2.82 -26.04 32.99
N GLN B 306 -3.37 -25.36 33.99
CA GLN B 306 -4.75 -24.75 33.94
C GLN B 306 -4.76 -23.57 32.96
N PHE B 307 -3.68 -22.79 32.86
CA PHE B 307 -3.55 -21.65 31.92
C PHE B 307 -3.34 -22.16 30.50
N GLU B 308 -2.41 -23.11 30.32
CA GLU B 308 -2.05 -23.69 28.99
C GLU B 308 -3.21 -24.52 28.44
N ASP B 309 -4.22 -24.85 29.26
CA ASP B 309 -5.45 -25.57 28.83
C ASP B 309 -6.39 -24.62 28.06
N LEU B 310 -6.41 -23.32 28.39
CA LEU B 310 -7.47 -22.38 27.94
C LEU B 310 -7.39 -22.12 26.43
N ASN B 311 -6.25 -22.35 25.78
CA ASN B 311 -6.10 -22.19 24.31
C ASN B 311 -6.85 -23.35 23.63
N LYS B 312 -7.64 -23.03 22.60
CA LYS B 312 -8.54 -23.99 21.89
C LYS B 312 -7.96 -24.37 20.52
N ARG B 313 -6.82 -23.79 20.14
CA ARG B 313 -6.12 -24.08 18.85
C ARG B 313 -4.64 -24.34 19.17
N LYS B 314 -4.33 -25.57 19.56
CA LYS B 314 -2.98 -25.99 20.03
C LYS B 314 -2.04 -26.28 18.84
N ASP B 315 -2.51 -26.10 17.60
CA ASP B 315 -1.74 -26.38 16.36
C ASP B 315 -1.27 -25.06 15.72
N THR B 316 -2.13 -24.04 15.65
CA THR B 316 -1.81 -22.71 15.05
C THR B 316 -0.82 -21.97 15.96
N LYS B 317 -1.19 -21.76 17.22
CA LYS B 317 -0.43 -20.92 18.19
C LYS B 317 0.16 -21.79 19.29
N GLU B 318 1.33 -21.41 19.78
CA GLU B 318 2.02 -22.02 20.94
C GLU B 318 1.89 -21.08 22.14
N ILE B 319 2.10 -21.61 23.34
CA ILE B 319 2.17 -20.83 24.61
C ILE B 319 3.49 -21.15 25.31
N TYR B 320 4.35 -20.14 25.43
CA TYR B 320 5.67 -20.24 26.11
C TYR B 320 5.51 -19.68 27.53
N THR B 321 5.58 -20.56 28.53
CA THR B 321 5.42 -20.18 29.96
C THR B 321 6.79 -20.06 30.62
N HIS B 322 6.96 -19.04 31.45
CA HIS B 322 8.14 -18.85 32.33
C HIS B 322 7.69 -18.40 33.72
N PHE B 323 8.41 -18.88 34.74
CA PHE B 323 8.25 -18.49 36.17
C PHE B 323 9.28 -17.40 36.45
N THR B 324 8.86 -16.13 36.37
CA THR B 324 9.73 -14.93 36.38
C THR B 324 10.75 -15.05 37.51
N CYS B 325 12.03 -15.16 37.15
CA CYS B 325 13.18 -15.35 38.07
C CYS B 325 13.96 -14.04 38.19
N ALA B 326 14.55 -13.79 39.36
CA ALA B 326 15.34 -12.58 39.70
C ALA B 326 16.74 -12.64 39.06
N THR B 327 17.07 -13.72 38.32
CA THR B 327 18.38 -13.88 37.62
C THR B 327 18.54 -12.73 36.61
N ASP B 328 19.81 -12.33 36.36
CA ASP B 328 20.20 -11.14 35.57
C ASP B 328 19.33 -10.97 34.33
N THR B 329 19.39 -11.90 33.36
CA THR B 329 18.80 -11.73 32.00
C THR B 329 18.02 -12.98 31.54
N LYS B 330 17.58 -13.85 32.44
CA LYS B 330 16.88 -15.12 32.07
C LYS B 330 15.48 -14.82 31.53
N ASN B 331 14.81 -13.78 32.05
CA ASN B 331 13.46 -13.36 31.61
C ASN B 331 13.53 -12.91 30.15
N VAL B 332 14.36 -11.91 29.86
CA VAL B 332 14.61 -11.37 28.48
C VAL B 332 15.19 -12.49 27.60
N GLN B 333 16.03 -13.37 28.14
CA GLN B 333 16.59 -14.55 27.40
C GLN B 333 15.42 -15.43 26.93
N PHE B 334 14.48 -15.75 27.84
CA PHE B 334 13.29 -16.58 27.53
C PHE B 334 12.43 -15.91 26.46
N VAL B 335 12.20 -14.59 26.59
CA VAL B 335 11.45 -13.77 25.59
C VAL B 335 12.16 -13.91 24.23
N PHE B 336 13.48 -13.72 24.22
CA PHE B 336 14.33 -13.82 23.01
C PHE B 336 14.15 -15.20 22.38
N ASP B 337 14.26 -16.27 23.19
CA ASP B 337 14.15 -17.68 22.72
C ASP B 337 12.80 -17.91 22.04
N ALA B 338 11.70 -17.54 22.71
CA ALA B 338 10.31 -17.69 22.21
C ALA B 338 10.13 -16.90 20.91
N VAL B 339 10.68 -15.68 20.84
CA VAL B 339 10.53 -14.77 19.67
C VAL B 339 11.32 -15.33 18.48
N THR B 340 12.54 -15.83 18.68
CA THR B 340 13.36 -16.45 17.61
C THR B 340 12.66 -17.72 17.11
N ASP B 341 12.05 -18.49 18.03
CA ASP B 341 11.27 -19.72 17.71
C ASP B 341 10.13 -19.35 16.74
N VAL B 342 9.26 -18.40 17.13
CA VAL B 342 8.09 -17.96 16.30
C VAL B 342 8.58 -17.35 14.99
N ILE B 343 9.69 -16.60 15.01
CA ILE B 343 10.31 -15.99 13.78
C ILE B 343 10.75 -17.12 12.83
N ILE B 344 11.46 -18.14 13.35
CA ILE B 344 11.93 -19.31 12.54
C ILE B 344 10.71 -19.98 11.88
N LYS B 345 9.67 -20.25 12.66
CA LYS B 345 8.41 -20.89 12.17
C LYS B 345 7.79 -20.04 11.06
N ASN B 346 7.70 -18.72 11.27
CA ASN B 346 7.13 -17.76 10.28
C ASN B 346 7.97 -17.78 8.99
N ASN B 347 9.31 -17.78 9.11
CA ASN B 347 10.25 -17.77 7.96
C ASN B 347 10.11 -19.08 7.17
N LEU B 348 10.12 -20.23 7.86
CA LEU B 348 9.99 -21.57 7.23
C LEU B 348 8.60 -21.73 6.61
N LYS B 349 7.59 -21.02 7.11
CA LYS B 349 6.25 -20.94 6.48
C LYS B 349 6.33 -20.08 5.22
N ASP B 350 7.08 -18.97 5.27
CA ASP B 350 7.27 -18.03 4.12
C ASP B 350 8.05 -18.71 2.99
N CYS B 351 8.95 -19.64 3.30
CA CYS B 351 9.70 -20.45 2.30
C CYS B 351 8.81 -21.53 1.68
N GLY B 352 7.62 -21.77 2.24
CA GLY B 352 6.67 -22.81 1.80
C GLY B 352 7.19 -24.21 2.09
N LEU B 353 7.91 -24.39 3.21
CA LEU B 353 8.64 -25.65 3.57
C LEU B 353 8.22 -26.21 4.92
N PHE B 354 7.95 -25.33 5.90
CA PHE B 354 7.69 -25.64 7.33
C PHE B 354 8.08 -27.09 7.66
N SER C 6 -35.86 7.22 50.12
CA SER C 6 -36.10 6.65 48.75
C SER C 6 -36.00 7.74 47.65
N GLU C 7 -35.18 8.78 47.86
CA GLU C 7 -35.06 9.95 46.94
C GLU C 7 -34.29 9.56 45.68
N LEU C 8 -33.58 8.42 45.70
CA LEU C 8 -32.91 7.84 44.50
C LEU C 8 -33.94 7.05 43.67
N ASP C 9 -34.75 6.20 44.31
CA ASP C 9 -35.70 5.28 43.63
C ASP C 9 -36.78 6.10 42.92
N GLN C 10 -37.38 7.06 43.62
CA GLN C 10 -38.41 7.99 43.06
C GLN C 10 -37.83 8.75 41.86
N LEU C 11 -36.56 9.18 41.95
CA LEU C 11 -35.88 9.98 40.89
C LEU C 11 -35.64 9.10 39.66
N ARG C 12 -35.19 7.85 39.86
CA ARG C 12 -34.99 6.86 38.77
C ARG C 12 -36.34 6.53 38.13
N GLN C 13 -37.39 6.35 38.95
CA GLN C 13 -38.77 6.07 38.47
C GLN C 13 -39.29 7.26 37.66
N GLU C 14 -39.01 8.49 38.10
CA GLU C 14 -39.39 9.74 37.38
C GLU C 14 -38.67 9.78 36.02
N ALA C 15 -37.35 9.48 36.00
CA ALA C 15 -36.53 9.38 34.78
C ALA C 15 -37.18 8.39 33.80
N GLU C 16 -37.61 7.23 34.30
CA GLU C 16 -38.24 6.15 33.48
C GLU C 16 -39.57 6.66 32.91
N GLN C 17 -40.44 7.23 33.75
CA GLN C 17 -41.75 7.82 33.34
C GLN C 17 -41.52 8.90 32.28
N LEU C 18 -40.50 9.74 32.46
CA LEU C 18 -40.20 10.86 31.52
C LEU C 18 -39.70 10.32 30.18
N LYS C 19 -38.91 9.23 30.20
CA LYS C 19 -38.48 8.53 28.96
C LYS C 19 -39.69 7.92 28.25
N ASN C 20 -40.64 7.36 29.01
CA ASN C 20 -41.92 6.82 28.47
C ASN C 20 -42.71 7.94 27.81
N GLN C 21 -42.78 9.12 28.44
CA GLN C 21 -43.44 10.34 27.87
C GLN C 21 -42.76 10.71 26.55
N ILE C 22 -41.42 10.78 26.52
CA ILE C 22 -40.62 11.11 25.31
C ILE C 22 -41.01 10.14 24.18
N ARG C 23 -41.03 8.84 24.47
CA ARG C 23 -41.35 7.77 23.48
C ARG C 23 -42.80 7.95 23.00
N ASP C 24 -43.74 8.23 23.90
CA ASP C 24 -45.17 8.51 23.57
C ASP C 24 -45.26 9.71 22.62
N ALA C 25 -44.53 10.79 22.91
CA ALA C 25 -44.52 12.05 22.12
C ALA C 25 -43.98 11.78 20.70
N ARG C 26 -42.81 11.14 20.59
CA ARG C 26 -42.15 10.87 19.28
C ARG C 26 -42.88 9.73 18.54
N LYS C 27 -43.75 8.98 19.22
CA LYS C 27 -44.66 7.99 18.57
C LYS C 27 -45.92 8.69 18.03
N ALA C 28 -46.43 9.71 18.73
CA ALA C 28 -47.67 10.45 18.35
C ALA C 28 -47.49 11.15 17.00
N CYS C 29 -46.27 11.60 16.67
CA CYS C 29 -45.94 12.37 15.44
C CYS C 29 -45.18 11.49 14.42
N ALA C 30 -45.53 10.20 14.33
CA ALA C 30 -44.97 9.21 13.37
C ALA C 30 -46.13 8.47 12.71
N ASP C 31 -46.70 9.05 11.65
CA ASP C 31 -47.94 8.54 11.00
C ASP C 31 -47.59 7.72 9.75
N ALA C 32 -46.73 8.24 8.87
CA ALA C 32 -46.34 7.59 7.60
C ALA C 32 -44.85 7.27 7.63
N THR C 33 -44.49 6.00 7.40
CA THR C 33 -43.08 5.57 7.26
C THR C 33 -42.48 6.27 6.04
N LEU C 34 -41.26 6.78 6.17
CA LEU C 34 -40.54 7.47 5.07
C LEU C 34 -40.59 6.61 3.81
N SER C 35 -40.35 5.30 3.93
CA SER C 35 -40.38 4.32 2.81
C SER C 35 -41.75 4.38 2.11
N GLN C 36 -42.83 4.51 2.89
CA GLN C 36 -44.23 4.54 2.38
C GLN C 36 -44.46 5.84 1.58
N ILE C 37 -43.93 6.98 2.03
CA ILE C 37 -44.09 8.29 1.34
C ILE C 37 -43.37 8.25 -0.01
N THR C 38 -42.12 7.76 -0.03
CA THR C 38 -41.24 7.70 -1.23
C THR C 38 -41.45 6.37 -1.97
N ASN C 39 -42.66 5.81 -1.95
CA ASN C 39 -42.99 4.54 -2.64
C ASN C 39 -43.15 4.80 -4.14
N ASN C 40 -43.65 6.00 -4.51
CA ASN C 40 -43.94 6.39 -5.92
C ASN C 40 -42.72 6.98 -6.62
N ILE C 41 -41.68 7.40 -5.87
CA ILE C 41 -40.41 7.90 -6.47
C ILE C 41 -39.78 6.74 -7.26
N ASP C 42 -39.41 7.01 -8.51
CA ASP C 42 -38.74 6.03 -9.40
C ASP C 42 -37.33 5.78 -8.85
N PRO C 43 -36.85 4.51 -8.83
CA PRO C 43 -35.53 4.21 -8.26
C PRO C 43 -34.41 4.81 -9.11
N VAL C 44 -33.17 4.70 -8.59
CA VAL C 44 -31.94 5.25 -9.22
C VAL C 44 -31.31 4.19 -10.13
N GLY C 45 -32.05 3.12 -10.46
CA GLY C 45 -31.57 1.97 -11.24
C GLY C 45 -30.46 1.24 -10.50
N ARG C 46 -29.42 0.81 -11.24
CA ARG C 46 -28.18 0.23 -10.68
C ARG C 46 -27.03 1.21 -10.90
N ILE C 47 -26.28 1.52 -9.83
CA ILE C 47 -25.14 2.48 -9.85
C ILE C 47 -23.84 1.67 -9.93
N GLN C 48 -23.24 1.62 -11.12
CA GLN C 48 -21.94 0.95 -11.37
C GLN C 48 -20.83 2.01 -11.28
N MET C 49 -19.92 1.82 -10.32
CA MET C 49 -18.77 2.73 -10.07
C MET C 49 -17.47 1.99 -10.35
N ARG C 50 -16.59 2.62 -11.13
CA ARG C 50 -15.28 2.08 -11.56
C ARG C 50 -14.17 2.79 -10.77
N THR C 51 -13.34 2.02 -10.07
CA THR C 51 -12.11 2.51 -9.38
C THR C 51 -11.25 3.28 -10.39
N ARG C 52 -11.13 4.60 -10.22
CA ARG C 52 -10.35 5.49 -11.12
C ARG C 52 -8.88 5.47 -10.70
N ARG C 53 -8.60 5.89 -9.46
CA ARG C 53 -7.24 5.94 -8.88
C ARG C 53 -7.09 4.83 -7.85
N THR C 54 -5.84 4.42 -7.62
CA THR C 54 -5.42 3.50 -6.54
C THR C 54 -4.21 4.13 -5.84
N LEU C 55 -4.47 4.92 -4.81
CA LEU C 55 -3.43 5.63 -4.01
C LEU C 55 -2.70 4.56 -3.20
N ARG C 56 -1.46 4.26 -3.60
CA ARG C 56 -0.69 3.06 -3.17
C ARG C 56 0.67 3.52 -2.63
N GLY C 57 0.71 3.87 -1.34
CA GLY C 57 1.92 4.31 -0.62
C GLY C 57 2.05 3.68 0.75
N HIS C 58 0.92 3.43 1.43
CA HIS C 58 0.88 2.94 2.84
C HIS C 58 1.39 1.50 2.92
N LEU C 59 1.97 1.14 4.07
CA LEU C 59 2.57 -0.19 4.35
C LEU C 59 1.90 -0.82 5.58
N ALA C 60 0.70 -0.38 5.93
CA ALA C 60 -0.11 -0.93 7.02
C ALA C 60 -1.57 -0.55 6.83
N LYS C 61 -2.44 -1.09 7.67
CA LYS C 61 -3.90 -0.87 7.64
C LYS C 61 -4.14 0.63 7.83
N ILE C 62 -4.74 1.29 6.82
CA ILE C 62 -5.10 2.73 6.89
C ILE C 62 -6.40 2.83 7.68
N TYR C 63 -6.49 3.75 8.65
CA TYR C 63 -7.57 3.76 9.67
C TYR C 63 -8.55 4.91 9.43
N ALA C 64 -8.10 6.00 8.82
CA ALA C 64 -8.91 7.21 8.58
C ALA C 64 -8.51 7.83 7.24
N MET C 65 -9.31 8.79 6.81
CA MET C 65 -9.19 9.48 5.50
C MET C 65 -10.14 10.67 5.52
N HIS C 66 -9.71 11.80 4.99
CA HIS C 66 -10.52 13.04 4.91
C HIS C 66 -10.15 13.83 3.67
N TRP C 67 -11.16 14.20 2.88
CA TRP C 67 -11.02 15.09 1.70
C TRP C 67 -10.78 16.52 2.18
N GLY C 68 -9.88 17.24 1.51
CA GLY C 68 -9.81 18.71 1.57
C GLY C 68 -11.01 19.32 0.87
N THR C 69 -11.39 20.55 1.24
CA THR C 69 -12.51 21.31 0.63
C THR C 69 -12.21 21.64 -0.83
N ASP C 70 -10.95 21.49 -1.26
CA ASP C 70 -10.52 21.61 -2.67
C ASP C 70 -11.21 20.54 -3.53
N SER C 71 -11.58 19.41 -2.92
CA SER C 71 -12.17 18.20 -3.57
C SER C 71 -11.11 17.48 -4.41
N ARG C 72 -9.83 17.81 -4.19
CA ARG C 72 -8.67 17.27 -4.96
C ARG C 72 -7.64 16.65 -4.00
N LEU C 73 -7.28 17.36 -2.93
CA LEU C 73 -6.34 16.86 -1.90
C LEU C 73 -7.15 16.09 -0.86
N LEU C 74 -6.69 14.87 -0.52
CA LEU C 74 -7.17 14.09 0.64
C LEU C 74 -5.95 13.68 1.48
N VAL C 75 -6.21 13.39 2.75
CA VAL C 75 -5.18 12.94 3.73
C VAL C 75 -5.66 11.59 4.29
N SER C 76 -4.78 10.59 4.26
CA SER C 76 -5.04 9.23 4.81
C SER C 76 -4.02 8.94 5.90
N ALA C 77 -4.49 8.46 7.05
CA ALA C 77 -3.66 8.10 8.23
C ALA C 77 -3.71 6.59 8.44
N SER C 78 -2.54 5.95 8.36
CA SER C 78 -2.33 4.49 8.54
C SER C 78 -1.55 4.24 9.84
N GLN C 79 -1.37 2.97 10.18
CA GLN C 79 -0.70 2.53 11.44
C GLN C 79 0.75 2.11 11.17
N ASP C 80 1.31 2.43 10.00
CA ASP C 80 2.78 2.36 9.75
C ASP C 80 3.47 3.51 10.49
N GLY C 81 2.71 4.51 10.96
CA GLY C 81 3.19 5.64 11.79
C GLY C 81 3.34 6.92 11.00
N LYS C 82 2.72 7.01 9.82
CA LYS C 82 2.80 8.17 8.89
C LYS C 82 1.43 8.40 8.25
N LEU C 83 1.00 9.65 8.15
CA LEU C 83 -0.19 10.03 7.36
C LEU C 83 0.28 10.83 6.14
N ILE C 84 -0.19 10.43 4.96
CA ILE C 84 0.23 10.99 3.64
C ILE C 84 -0.90 11.89 3.15
N ILE C 85 -0.54 12.98 2.46
CA ILE C 85 -1.48 13.91 1.79
C ILE C 85 -1.32 13.69 0.28
N TRP C 86 -2.38 13.17 -0.35
CA TRP C 86 -2.38 12.77 -1.79
C TRP C 86 -2.96 13.91 -2.62
N ASP C 87 -2.46 14.05 -3.85
CA ASP C 87 -3.13 14.78 -4.95
C ASP C 87 -3.94 13.73 -5.72
N SER C 88 -5.25 13.64 -5.45
CA SER C 88 -6.14 12.55 -5.96
C SER C 88 -6.15 12.53 -7.50
N TYR C 89 -6.08 13.70 -8.14
CA TYR C 89 -6.15 13.88 -9.62
C TYR C 89 -4.97 13.21 -10.32
N THR C 90 -3.79 13.19 -9.69
CA THR C 90 -2.54 12.64 -10.27
C THR C 90 -1.94 11.53 -9.41
N THR C 91 -2.59 11.16 -8.29
CA THR C 91 -2.14 10.12 -7.33
C THR C 91 -0.75 10.45 -6.76
N ASN C 92 -0.33 11.73 -6.83
CA ASN C 92 0.97 12.20 -6.29
C ASN C 92 0.81 12.36 -4.78
N LYS C 93 1.90 12.13 -4.04
CA LYS C 93 2.00 12.44 -2.59
C LYS C 93 2.64 13.81 -2.47
N VAL C 94 1.95 14.76 -1.83
CA VAL C 94 2.42 16.17 -1.67
C VAL C 94 3.16 16.30 -0.33
N HIS C 95 2.76 15.52 0.69
CA HIS C 95 3.38 15.46 2.03
C HIS C 95 3.36 14.03 2.57
N ALA C 96 4.38 13.65 3.33
CA ALA C 96 4.45 12.40 4.14
C ALA C 96 4.91 12.78 5.55
N ILE C 97 3.97 12.85 6.49
CA ILE C 97 4.19 13.40 7.86
C ILE C 97 4.43 12.23 8.80
N PRO C 98 5.68 12.04 9.31
CA PRO C 98 5.97 11.01 10.30
C PRO C 98 5.40 11.41 11.66
N LEU C 99 4.60 10.52 12.26
CA LEU C 99 3.88 10.78 13.54
C LEU C 99 4.74 10.27 14.70
N ARG C 100 4.59 10.88 15.87
CA ARG C 100 5.31 10.48 17.11
C ARG C 100 4.78 9.11 17.58
N SER C 101 3.45 8.95 17.60
CA SER C 101 2.75 7.68 17.95
C SER C 101 2.22 7.02 16.68
N SER C 102 2.62 5.77 16.42
CA SER C 102 2.23 4.97 15.22
C SER C 102 0.74 4.62 15.28
N TRP C 103 0.16 4.53 16.48
CA TRP C 103 -1.25 4.10 16.70
C TRP C 103 -2.17 5.28 16.40
N VAL C 104 -2.90 5.20 15.30
CA VAL C 104 -3.79 6.27 14.77
C VAL C 104 -5.15 5.64 14.43
N MET C 105 -6.23 6.27 14.89
CA MET C 105 -7.62 5.82 14.65
C MET C 105 -8.41 6.87 13.86
N THR C 106 -7.90 8.10 13.74
CA THR C 106 -8.62 9.25 13.13
C THR C 106 -7.66 10.13 12.34
N CYS C 107 -8.24 11.05 11.57
CA CYS C 107 -7.53 11.99 10.68
C CYS C 107 -8.53 13.01 10.12
N ALA C 108 -8.16 14.28 10.17
CA ALA C 108 -9.00 15.41 9.71
C ALA C 108 -8.15 16.40 8.91
N TYR C 109 -8.74 16.96 7.86
CA TYR C 109 -8.16 18.00 6.98
C TYR C 109 -8.94 19.29 7.21
N ALA C 110 -8.25 20.38 7.60
CA ALA C 110 -8.85 21.69 7.90
C ALA C 110 -9.62 22.18 6.67
N PRO C 111 -10.76 22.88 6.83
CA PRO C 111 -11.55 23.36 5.68
C PRO C 111 -10.82 24.41 4.83
N SER C 112 -9.93 25.18 5.44
CA SER C 112 -9.05 26.16 4.75
C SER C 112 -7.92 25.43 4.00
N GLY C 113 -7.37 24.39 4.62
CA GLY C 113 -6.33 23.50 4.03
C GLY C 113 -4.95 23.75 4.61
N ASN C 114 -4.83 24.59 5.64
CA ASN C 114 -3.53 24.96 6.27
C ASN C 114 -3.11 23.90 7.29
N TYR C 115 -4.07 23.30 8.01
CA TYR C 115 -3.82 22.35 9.13
C TYR C 115 -4.37 20.96 8.80
N VAL C 116 -3.80 19.96 9.47
CA VAL C 116 -4.23 18.54 9.44
C VAL C 116 -4.10 18.00 10.86
N ALA C 117 -5.20 17.51 11.43
CA ALA C 117 -5.24 16.91 12.79
C ALA C 117 -5.02 15.41 12.65
N CYS C 118 -4.60 14.79 13.75
CA CYS C 118 -4.41 13.32 13.86
C CYS C 118 -4.44 12.91 15.32
N GLY C 119 -4.87 11.67 15.58
CA GLY C 119 -4.99 11.12 16.94
C GLY C 119 -5.21 9.62 16.92
N GLY C 120 -4.93 8.95 18.04
CA GLY C 120 -5.14 7.50 18.16
C GLY C 120 -5.10 7.03 19.60
N LEU C 121 -4.42 5.91 19.86
CA LEU C 121 -4.34 5.26 21.20
C LEU C 121 -3.48 6.09 22.15
N ASP C 122 -2.73 7.07 21.66
CA ASP C 122 -1.86 7.96 22.48
C ASP C 122 -2.68 9.01 23.24
N ASN C 123 -4.00 9.12 22.98
CA ASN C 123 -4.97 10.03 23.68
C ASN C 123 -4.76 11.49 23.27
N ILE C 124 -3.76 11.79 22.43
CA ILE C 124 -3.36 13.18 22.06
C ILE C 124 -3.82 13.44 20.62
N CYS C 125 -4.60 14.50 20.42
CA CYS C 125 -4.99 15.03 19.09
C CYS C 125 -3.92 16.03 18.64
N SER C 126 -2.89 15.55 17.94
CA SER C 126 -1.77 16.37 17.40
C SER C 126 -2.22 17.02 16.09
N ILE C 127 -2.02 18.35 15.98
CA ILE C 127 -2.40 19.17 14.81
C ILE C 127 -1.11 19.63 14.12
N TYR C 128 -1.02 19.39 12.81
CA TYR C 128 0.17 19.69 11.97
C TYR C 128 -0.13 20.91 11.09
N ASN C 129 0.90 21.73 10.86
CA ASN C 129 0.85 22.98 10.07
C ASN C 129 1.48 22.70 8.70
N LEU C 130 0.66 22.64 7.64
CA LEU C 130 1.09 22.31 6.26
C LEU C 130 1.81 23.50 5.65
N LYS C 131 1.12 24.66 5.56
CA LYS C 131 1.63 25.88 4.89
C LYS C 131 2.49 26.66 5.88
N THR C 132 3.77 26.32 5.91
CA THR C 132 4.82 26.94 6.76
C THR C 132 5.86 27.60 5.84
N ARG C 133 6.76 28.38 6.43
CA ARG C 133 7.79 29.17 5.68
C ARG C 133 9.03 28.31 5.39
N GLU C 134 9.15 27.14 6.01
CA GLU C 134 10.37 26.28 5.97
C GLU C 134 10.18 25.05 5.07
N GLY C 135 8.97 24.82 4.55
CA GLY C 135 8.66 23.77 3.55
C GLY C 135 8.58 22.36 4.13
N ASN C 136 8.59 22.21 5.46
CA ASN C 136 8.45 20.90 6.15
C ASN C 136 7.21 20.95 7.06
N VAL C 137 6.34 19.95 6.99
CA VAL C 137 5.12 19.88 7.84
C VAL C 137 5.58 19.74 9.30
N ARG C 138 5.11 20.64 10.16
CA ARG C 138 5.57 20.80 11.56
C ARG C 138 4.38 20.66 12.51
N VAL C 139 4.61 20.04 13.68
CA VAL C 139 3.55 19.80 14.70
C VAL C 139 3.23 21.16 15.34
N SER C 140 2.01 21.66 15.11
CA SER C 140 1.54 22.98 15.61
C SER C 140 1.28 22.89 17.12
N ARG C 141 0.39 21.97 17.51
CA ARG C 141 -0.03 21.74 18.92
C ARG C 141 -0.20 20.24 19.17
N GLU C 142 -0.20 19.83 20.43
CA GLU C 142 -0.54 18.47 20.90
C GLU C 142 -1.68 18.58 21.93
N LEU C 143 -2.92 18.53 21.45
CA LEU C 143 -4.13 18.73 22.29
C LEU C 143 -4.32 17.51 23.19
N ALA C 144 -3.69 17.56 24.38
CA ALA C 144 -3.78 16.54 25.45
C ALA C 144 -4.84 16.98 26.47
N GLY C 145 -5.46 16.01 27.15
CA GLY C 145 -6.55 16.24 28.13
C GLY C 145 -7.57 15.12 28.13
N HIS C 146 -7.77 14.44 27.01
CA HIS C 146 -8.59 13.21 26.91
C HIS C 146 -7.91 12.07 27.69
N THR C 147 -8.72 11.14 28.20
CA THR C 147 -8.28 10.00 29.05
C THR C 147 -8.62 8.65 28.41
N GLY C 148 -9.12 8.64 27.16
CA GLY C 148 -9.52 7.42 26.44
C GLY C 148 -8.60 7.13 25.26
N TYR C 149 -9.03 7.56 24.07
CA TYR C 149 -8.31 7.44 22.78
C TYR C 149 -9.10 8.21 21.71
N LEU C 150 -8.42 9.04 20.94
CA LEU C 150 -9.04 9.87 19.87
C LEU C 150 -9.64 8.96 18.80
N SER C 151 -10.98 8.91 18.74
CA SER C 151 -11.76 8.06 17.79
C SER C 151 -12.14 8.86 16.54
N CYS C 152 -12.30 10.18 16.67
CA CYS C 152 -12.62 11.09 15.54
C CYS C 152 -12.22 12.54 15.88
N CYS C 153 -11.82 13.31 14.87
CA CYS C 153 -11.53 14.76 14.93
C CYS C 153 -12.18 15.46 13.75
N ARG C 154 -12.79 16.63 13.97
CA ARG C 154 -13.41 17.47 12.90
C ARG C 154 -13.03 18.93 13.14
N PHE C 155 -12.50 19.60 12.11
CA PHE C 155 -12.15 21.04 12.17
C PHE C 155 -13.42 21.87 12.01
N LEU C 156 -13.58 22.89 12.87
CA LEU C 156 -14.59 23.97 12.71
C LEU C 156 -13.96 25.12 11.93
N ASP C 157 -12.89 25.70 12.48
CA ASP C 157 -12.05 26.76 11.86
C ASP C 157 -10.59 26.30 11.90
N ASP C 158 -9.64 27.19 11.58
CA ASP C 158 -8.18 26.98 11.82
C ASP C 158 -7.87 27.11 13.32
N ASN C 159 -8.86 27.45 14.15
CA ASN C 159 -8.71 27.73 15.61
C ASN C 159 -9.42 26.64 16.43
N GLN C 160 -10.66 26.28 16.08
CA GLN C 160 -11.48 25.33 16.89
C GLN C 160 -11.45 23.95 16.23
N ILE C 161 -11.54 22.92 17.06
CA ILE C 161 -11.62 21.49 16.65
C ILE C 161 -12.41 20.74 17.74
N VAL C 162 -13.36 19.92 17.31
CA VAL C 162 -14.11 19.00 18.21
C VAL C 162 -13.47 17.61 18.09
N THR C 163 -13.31 16.93 19.22
CA THR C 163 -12.65 15.61 19.28
C THR C 163 -13.57 14.61 19.97
N SER C 164 -13.51 13.36 19.54
CA SER C 164 -14.35 12.22 20.01
C SER C 164 -13.42 11.16 20.59
N SER C 165 -13.36 11.07 21.93
CA SER C 165 -12.48 10.12 22.64
C SER C 165 -13.26 8.89 23.08
N GLY C 166 -12.54 7.85 23.52
CA GLY C 166 -13.09 6.61 24.11
C GLY C 166 -13.19 6.68 25.62
N ASP C 167 -13.27 7.89 26.19
CA ASP C 167 -13.58 8.13 27.63
C ASP C 167 -15.00 8.68 27.78
N THR C 168 -15.87 8.44 26.78
CA THR C 168 -17.32 8.75 26.78
C THR C 168 -17.57 10.27 26.77
N THR C 169 -16.60 11.07 26.31
CA THR C 169 -16.69 12.55 26.27
C THR C 169 -16.20 13.08 24.91
N CYS C 170 -16.99 13.95 24.29
CA CYS C 170 -16.57 14.84 23.18
C CYS C 170 -16.15 16.18 23.78
N ALA C 171 -15.09 16.79 23.25
CA ALA C 171 -14.53 18.07 23.72
C ALA C 171 -14.29 19.01 22.54
N LEU C 172 -14.59 20.30 22.72
CA LEU C 172 -14.29 21.40 21.77
C LEU C 172 -13.04 22.12 22.28
N TRP C 173 -11.99 22.15 21.47
CA TRP C 173 -10.66 22.72 21.81
C TRP C 173 -10.52 24.13 21.24
N ASP C 174 -9.50 24.83 21.70
CA ASP C 174 -9.00 26.12 21.16
C ASP C 174 -7.50 25.92 20.87
N ILE C 175 -7.15 25.78 19.59
CA ILE C 175 -5.84 25.23 19.13
C ILE C 175 -4.70 26.11 19.68
N GLU C 176 -4.81 27.44 19.57
CA GLU C 176 -3.75 28.40 19.97
C GLU C 176 -3.42 28.22 21.46
N THR C 177 -4.44 28.30 22.33
CA THR C 177 -4.32 28.16 23.81
C THR C 177 -4.03 26.69 24.14
N GLY C 178 -4.63 25.76 23.38
CA GLY C 178 -4.45 24.30 23.53
C GLY C 178 -5.30 23.71 24.63
N GLN C 179 -6.26 24.48 25.17
CA GLN C 179 -7.15 24.07 26.29
C GLN C 179 -8.54 23.75 25.74
N GLN C 180 -9.26 22.86 26.43
CA GLN C 180 -10.67 22.51 26.12
C GLN C 180 -11.55 23.73 26.41
N THR C 181 -12.33 24.19 25.43
CA THR C 181 -13.30 25.30 25.57
C THR C 181 -14.58 24.75 26.22
N THR C 182 -15.14 23.69 25.63
CA THR C 182 -16.37 23.00 26.09
C THR C 182 -16.12 21.48 26.11
N THR C 183 -16.65 20.80 27.12
CA THR C 183 -16.62 19.32 27.27
C THR C 183 -18.07 18.81 27.25
N PHE C 184 -18.45 18.12 26.17
CA PHE C 184 -19.78 17.48 25.99
C PHE C 184 -19.71 16.07 26.62
N THR C 185 -20.42 15.87 27.72
CA THR C 185 -20.40 14.63 28.54
C THR C 185 -21.83 14.21 28.87
N GLY C 186 -22.43 13.41 27.99
CA GLY C 186 -23.77 12.79 28.18
C GLY C 186 -23.74 11.29 27.92
N HIS C 187 -22.76 10.77 27.20
CA HIS C 187 -22.66 9.35 26.79
C HIS C 187 -22.31 8.47 27.99
N THR C 188 -22.56 7.16 27.86
CA THR C 188 -22.19 6.11 28.85
C THR C 188 -21.37 5.01 28.17
N GLY C 189 -20.82 5.27 26.99
CA GLY C 189 -19.96 4.34 26.23
C GLY C 189 -19.00 5.10 25.34
N ASP C 190 -17.96 4.41 24.85
CA ASP C 190 -16.87 5.01 24.03
C ASP C 190 -17.50 5.67 22.80
N VAL C 191 -17.22 6.96 22.60
CA VAL C 191 -17.79 7.78 21.48
C VAL C 191 -16.94 7.48 20.25
N MET C 192 -17.50 6.77 19.27
CA MET C 192 -16.73 6.10 18.17
C MET C 192 -16.64 6.99 16.93
N SER C 193 -17.64 7.84 16.69
CA SER C 193 -17.73 8.69 15.48
C SER C 193 -18.24 10.09 15.82
N LEU C 194 -18.25 10.96 14.82
CA LEU C 194 -18.44 12.43 14.96
C LEU C 194 -18.73 13.02 13.58
N SER C 195 -19.64 13.99 13.50
CA SER C 195 -20.06 14.63 12.23
C SER C 195 -20.56 16.05 12.51
N LEU C 196 -19.96 17.04 11.86
CA LEU C 196 -20.37 18.47 11.95
C LEU C 196 -21.52 18.72 10.98
N ALA C 197 -22.49 19.53 11.41
CA ALA C 197 -23.55 20.09 10.53
C ALA C 197 -22.88 20.94 9.46
N PRO C 198 -23.50 21.10 8.26
CA PRO C 198 -22.97 21.98 7.22
C PRO C 198 -22.64 23.41 7.69
N ASP C 199 -23.37 23.94 8.68
CA ASP C 199 -23.20 25.31 9.24
C ASP C 199 -22.28 25.29 10.47
N THR C 200 -21.96 24.11 11.01
CA THR C 200 -21.06 23.89 12.19
C THR C 200 -21.65 24.57 13.44
N ARG C 201 -22.98 24.71 13.53
CA ARG C 201 -23.70 25.32 14.67
C ARG C 201 -24.01 24.27 15.72
N LEU C 202 -24.06 23.00 15.33
CA LEU C 202 -24.30 21.85 16.23
C LEU C 202 -23.88 20.57 15.49
N PHE C 203 -23.26 19.64 16.21
CA PHE C 203 -22.74 18.36 15.67
C PHE C 203 -23.46 17.20 16.35
N VAL C 204 -23.16 15.99 15.87
CA VAL C 204 -23.77 14.71 16.34
C VAL C 204 -22.63 13.70 16.51
N SER C 205 -22.68 12.92 17.59
CA SER C 205 -21.68 11.87 17.93
C SER C 205 -22.39 10.54 18.17
N GLY C 206 -21.83 9.46 17.63
CA GLY C 206 -22.29 8.07 17.83
C GLY C 206 -21.35 7.32 18.75
N ALA C 207 -21.88 6.74 19.83
CA ALA C 207 -21.10 6.06 20.89
C ALA C 207 -21.41 4.57 20.91
N CYS C 208 -20.55 3.79 21.60
CA CYS C 208 -20.72 2.33 21.85
C CYS C 208 -21.96 2.06 22.73
N ASP C 209 -22.64 3.11 23.21
CA ASP C 209 -23.93 3.02 23.97
C ASP C 209 -25.09 2.59 23.05
N ALA C 210 -24.87 2.48 21.73
CA ALA C 210 -25.90 2.20 20.70
C ALA C 210 -26.92 3.34 20.68
N SER C 211 -26.43 4.58 20.81
CA SER C 211 -27.26 5.82 20.87
C SER C 211 -26.43 6.99 20.34
N ALA C 212 -26.95 7.72 19.35
CA ALA C 212 -26.38 8.99 18.84
C ALA C 212 -27.01 10.16 19.58
N LYS C 213 -26.24 11.23 19.79
CA LYS C 213 -26.67 12.45 20.53
C LYS C 213 -26.37 13.69 19.71
N LEU C 214 -27.27 14.67 19.76
CA LEU C 214 -27.17 15.96 19.03
C LEU C 214 -26.65 17.02 20.00
N TRP C 215 -25.38 17.40 19.87
CA TRP C 215 -24.71 18.41 20.73
C TRP C 215 -24.87 19.79 20.10
N ASP C 216 -24.82 20.83 20.92
CA ASP C 216 -24.70 22.25 20.51
C ASP C 216 -23.29 22.73 20.88
N VAL C 217 -22.51 23.14 19.90
CA VAL C 217 -21.06 23.54 20.05
C VAL C 217 -20.95 24.74 20.99
N ARG C 218 -21.89 25.70 20.93
CA ARG C 218 -21.82 26.99 21.65
C ARG C 218 -22.31 26.83 23.09
N GLU C 219 -23.33 26.01 23.32
CA GLU C 219 -23.94 25.78 24.66
C GLU C 219 -23.17 24.67 25.39
N GLY C 220 -23.08 23.49 24.77
CA GLY C 220 -22.44 22.30 25.34
C GLY C 220 -23.44 21.37 26.00
N MET C 221 -24.66 21.32 25.47
CA MET C 221 -25.81 20.57 26.04
C MET C 221 -26.31 19.56 25.00
N CYS C 222 -26.61 18.34 25.43
CA CYS C 222 -27.26 17.29 24.60
C CYS C 222 -28.66 17.76 24.23
N ARG C 223 -28.87 18.18 22.98
CA ARG C 223 -30.17 18.73 22.50
C ARG C 223 -31.18 17.58 22.43
N GLN C 224 -30.84 16.53 21.69
CA GLN C 224 -31.68 15.34 21.43
C GLN C 224 -30.81 14.08 21.51
N THR C 225 -31.40 12.95 21.93
CA THR C 225 -30.74 11.62 21.96
C THR C 225 -31.56 10.66 21.10
N PHE C 226 -30.91 10.03 20.11
CA PHE C 226 -31.52 9.07 19.16
C PHE C 226 -31.04 7.66 19.49
N THR C 227 -31.97 6.82 19.95
CA THR C 227 -31.78 5.37 20.20
C THR C 227 -32.47 4.59 19.08
N GLY C 228 -32.25 3.27 19.04
CA GLY C 228 -32.84 2.35 18.06
C GLY C 228 -31.89 1.23 17.67
N HIS C 229 -30.59 1.51 17.60
CA HIS C 229 -29.52 0.51 17.30
C HIS C 229 -29.43 -0.52 18.42
N GLU C 230 -28.97 -1.73 18.08
CA GLU C 230 -28.86 -2.90 18.99
C GLU C 230 -27.42 -3.07 19.48
N SER C 231 -26.42 -2.48 18.80
CA SER C 231 -24.97 -2.59 19.13
C SER C 231 -24.26 -1.24 18.91
N ASP C 232 -22.95 -1.22 19.15
CA ASP C 232 -22.06 -0.04 18.98
C ASP C 232 -22.27 0.55 17.58
N ILE C 233 -22.36 1.88 17.51
CA ILE C 233 -22.48 2.68 16.24
C ILE C 233 -21.12 3.30 15.95
N ASN C 234 -20.50 2.91 14.82
CA ASN C 234 -19.08 3.19 14.49
C ASN C 234 -18.96 4.33 13.48
N ALA C 235 -20.08 4.90 13.01
CA ALA C 235 -20.10 5.89 11.93
C ALA C 235 -21.34 6.78 12.05
N ILE C 236 -21.12 8.10 11.94
CA ILE C 236 -22.18 9.13 11.81
C ILE C 236 -21.83 10.00 10.61
N CYS C 237 -22.85 10.49 9.92
CA CYS C 237 -22.73 11.47 8.81
C CYS C 237 -24.07 12.20 8.64
N PHE C 238 -24.03 13.53 8.67
CA PHE C 238 -25.20 14.39 8.41
C PHE C 238 -25.66 14.19 6.96
N PHE C 239 -26.98 14.29 6.77
CA PHE C 239 -27.61 14.54 5.46
C PHE C 239 -27.16 15.92 4.97
N PRO C 240 -26.86 16.12 3.67
CA PRO C 240 -26.40 17.41 3.17
C PRO C 240 -27.29 18.62 3.53
N ASN C 241 -28.59 18.37 3.76
CA ASN C 241 -29.58 19.37 4.28
C ASN C 241 -29.15 19.86 5.66
N GLY C 242 -28.75 18.94 6.55
CA GLY C 242 -28.38 19.22 7.95
C GLY C 242 -29.48 18.88 8.94
N ASN C 243 -30.63 18.39 8.46
CA ASN C 243 -31.83 18.04 9.29
C ASN C 243 -32.05 16.53 9.32
N ALA C 244 -30.99 15.73 9.11
CA ALA C 244 -31.01 14.26 9.18
C ALA C 244 -29.56 13.76 9.18
N PHE C 245 -29.31 12.61 9.79
CA PHE C 245 -27.98 11.95 9.79
C PHE C 245 -28.16 10.44 9.74
N ALA C 246 -27.21 9.77 9.07
CA ALA C 246 -27.12 8.30 9.00
C ALA C 246 -26.30 7.81 10.19
N THR C 247 -26.42 6.52 10.52
CA THR C 247 -25.74 5.88 11.67
C THR C 247 -25.42 4.42 11.32
N GLY C 248 -24.15 4.12 11.04
CA GLY C 248 -23.65 2.76 10.85
C GLY C 248 -23.29 2.11 12.17
N SER C 249 -23.75 0.88 12.40
CA SER C 249 -23.56 0.11 13.67
C SER C 249 -22.92 -1.26 13.39
N ASP C 250 -22.73 -2.05 14.45
CA ASP C 250 -22.33 -3.49 14.37
C ASP C 250 -23.55 -4.39 14.17
N ASP C 251 -24.75 -3.82 14.04
CA ASP C 251 -26.00 -4.57 13.68
C ASP C 251 -25.98 -4.94 12.20
N ALA C 252 -25.05 -4.37 11.41
CA ALA C 252 -24.99 -4.45 9.93
C ALA C 252 -26.18 -3.71 9.33
N THR C 253 -26.76 -2.76 10.07
CA THR C 253 -27.91 -1.91 9.65
C THR C 253 -27.48 -0.45 9.76
N CYS C 254 -27.81 0.35 8.74
CA CYS C 254 -27.74 1.83 8.76
C CYS C 254 -29.15 2.36 9.03
N ARG C 255 -29.27 3.39 9.87
CA ARG C 255 -30.57 4.07 10.15
C ARG C 255 -30.41 5.57 9.88
N LEU C 256 -31.43 6.16 9.25
CA LEU C 256 -31.51 7.61 8.96
C LEU C 256 -32.46 8.25 9.97
N PHE C 257 -31.91 8.96 10.96
CA PHE C 257 -32.69 9.72 11.98
C PHE C 257 -32.95 11.12 11.45
N ASP C 258 -34.09 11.71 11.82
CA ASP C 258 -34.46 13.11 11.47
C ASP C 258 -34.40 13.95 12.74
N LEU C 259 -33.81 15.14 12.64
CA LEU C 259 -33.59 16.06 13.80
C LEU C 259 -34.92 16.69 14.22
N ARG C 260 -35.76 17.10 13.27
CA ARG C 260 -37.03 17.83 13.56
C ARG C 260 -38.10 16.83 14.01
N ALA C 261 -38.24 15.69 13.33
CA ALA C 261 -39.19 14.61 13.71
C ALA C 261 -38.72 13.94 15.02
N ASP C 262 -37.42 13.98 15.31
CA ASP C 262 -36.80 13.50 16.58
C ASP C 262 -36.98 11.99 16.70
N GLN C 263 -36.74 11.25 15.62
CA GLN C 263 -36.85 9.77 15.57
C GLN C 263 -36.18 9.25 14.30
N GLU C 264 -36.01 7.92 14.23
CA GLU C 264 -35.49 7.23 13.03
C GLU C 264 -36.61 7.21 11.97
N LEU C 265 -36.24 7.34 10.70
CA LEU C 265 -37.19 7.35 9.55
C LEU C 265 -37.22 5.97 8.90
N MET C 266 -36.05 5.40 8.61
CA MET C 266 -35.95 4.04 8.01
C MET C 266 -34.62 3.40 8.37
N THR C 267 -34.48 2.12 8.05
CA THR C 267 -33.30 1.26 8.32
C THR C 267 -32.85 0.61 7.02
N TYR C 268 -31.54 0.59 6.78
CA TYR C 268 -30.88 0.02 5.58
C TYR C 268 -30.24 -1.31 5.97
N SER C 269 -31.07 -2.34 6.06
CA SER C 269 -30.69 -3.73 6.44
C SER C 269 -30.76 -4.63 5.21
N HIS C 270 -30.11 -5.80 5.29
CA HIS C 270 -30.18 -6.89 4.29
C HIS C 270 -29.80 -8.22 4.96
N ASP C 271 -30.34 -9.32 4.45
CA ASP C 271 -30.30 -10.66 5.10
C ASP C 271 -28.89 -11.24 5.06
N ASN C 272 -28.23 -11.19 3.89
CA ASN C 272 -26.86 -11.75 3.67
C ASN C 272 -25.78 -10.73 4.05
N ILE C 273 -26.17 -9.59 4.67
CA ILE C 273 -25.25 -8.62 5.32
C ILE C 273 -25.35 -8.81 6.84
N ILE C 274 -24.29 -9.35 7.44
CA ILE C 274 -24.20 -9.70 8.89
C ILE C 274 -22.92 -9.12 9.51
N CYS C 275 -22.05 -8.48 8.72
CA CYS C 275 -20.80 -7.84 9.17
C CYS C 275 -21.08 -6.38 9.53
N GLY C 276 -20.57 -5.93 10.68
CA GLY C 276 -20.80 -4.59 11.23
C GLY C 276 -20.23 -3.51 10.33
N ILE C 277 -21.08 -2.58 9.86
CA ILE C 277 -20.64 -1.38 9.06
C ILE C 277 -19.78 -0.48 9.95
N THR C 278 -18.77 0.16 9.38
CA THR C 278 -17.74 0.96 10.12
C THR C 278 -17.53 2.36 9.53
N SER C 279 -18.29 2.75 8.49
CA SER C 279 -18.18 4.09 7.84
C SER C 279 -19.41 4.34 6.98
N VAL C 280 -20.02 5.51 7.11
CA VAL C 280 -21.14 5.99 6.26
C VAL C 280 -20.75 7.34 5.69
N SER C 281 -21.40 7.72 4.58
CA SER C 281 -21.28 9.05 3.93
C SER C 281 -22.41 9.18 2.92
N PHE C 282 -23.08 10.34 2.90
CA PHE C 282 -24.09 10.67 1.88
C PHE C 282 -23.38 11.22 0.64
N SER C 283 -24.05 11.09 -0.51
CA SER C 283 -23.66 11.78 -1.77
C SER C 283 -23.96 13.28 -1.62
N LYS C 284 -23.62 14.08 -2.63
CA LYS C 284 -23.75 15.55 -2.60
C LYS C 284 -25.23 15.93 -2.47
N SER C 285 -26.12 15.27 -3.20
CA SER C 285 -27.59 15.50 -3.17
C SER C 285 -28.22 14.77 -1.97
N GLY C 286 -27.56 13.72 -1.45
CA GLY C 286 -28.01 12.92 -0.32
C GLY C 286 -28.92 11.78 -0.74
N ARG C 287 -29.12 11.57 -2.05
CA ARG C 287 -30.08 10.57 -2.58
C ARG C 287 -29.56 9.16 -2.32
N LEU C 288 -28.28 8.92 -2.57
CA LEU C 288 -27.62 7.60 -2.39
C LEU C 288 -26.67 7.71 -1.18
N LEU C 289 -26.83 6.78 -0.24
CA LEU C 289 -26.05 6.70 1.03
C LEU C 289 -24.96 5.64 0.83
N LEU C 290 -23.70 6.07 0.75
CA LEU C 290 -22.52 5.16 0.75
C LEU C 290 -22.43 4.52 2.15
N ALA C 291 -21.79 3.35 2.23
CA ALA C 291 -21.76 2.50 3.44
C ALA C 291 -20.62 1.48 3.35
N GLY C 292 -19.62 1.58 4.23
CA GLY C 292 -18.40 0.74 4.22
C GLY C 292 -18.47 -0.39 5.25
N TYR C 293 -18.64 -1.63 4.77
CA TYR C 293 -18.87 -2.84 5.61
C TYR C 293 -17.55 -3.57 5.87
N ASP C 294 -17.61 -4.58 6.76
CA ASP C 294 -16.50 -5.53 7.06
C ASP C 294 -16.52 -6.73 6.11
N ASP C 295 -17.45 -6.76 5.15
CA ASP C 295 -17.50 -7.79 4.07
C ASP C 295 -16.36 -7.55 3.05
N PHE C 296 -15.51 -6.53 3.27
CA PHE C 296 -14.38 -6.09 2.43
C PHE C 296 -14.87 -5.28 1.23
N ASN C 297 -16.15 -4.90 1.23
CA ASN C 297 -16.77 -4.15 0.11
C ASN C 297 -17.63 -3.03 0.69
N CYS C 298 -17.80 -1.98 -0.10
CA CYS C 298 -18.75 -0.88 0.19
C CYS C 298 -20.10 -1.21 -0.45
N ASN C 299 -21.16 -0.55 0.00
CA ASN C 299 -22.54 -0.67 -0.52
C ASN C 299 -23.07 0.75 -0.81
N VAL C 300 -24.08 0.83 -1.66
CA VAL C 300 -24.73 2.10 -2.10
C VAL C 300 -26.24 1.92 -1.92
N TRP C 301 -26.80 2.50 -0.86
CA TRP C 301 -28.25 2.44 -0.54
C TRP C 301 -28.95 3.67 -1.13
N ASP C 302 -30.07 3.44 -1.82
CA ASP C 302 -31.03 4.50 -2.21
C ASP C 302 -31.64 5.06 -0.91
N ALA C 303 -31.08 6.16 -0.40
CA ALA C 303 -31.33 6.71 0.95
C ALA C 303 -32.78 7.20 1.13
N LEU C 304 -33.63 7.11 0.09
CA LEU C 304 -35.08 7.43 0.21
C LEU C 304 -35.95 6.17 0.08
N LYS C 305 -35.39 5.01 -0.33
CA LYS C 305 -36.20 3.78 -0.58
C LYS C 305 -35.65 2.55 0.17
N ALA C 306 -34.41 2.59 0.66
CA ALA C 306 -33.73 1.53 1.44
C ALA C 306 -33.34 0.31 0.58
N ASP C 307 -33.69 0.28 -0.70
CA ASP C 307 -33.23 -0.80 -1.62
C ASP C 307 -31.79 -0.47 -2.04
N ARG C 308 -30.92 -1.48 -2.06
CA ARG C 308 -29.48 -1.32 -2.44
C ARG C 308 -29.41 -1.03 -3.94
N ALA C 309 -28.49 -0.16 -4.34
CA ALA C 309 -28.32 0.34 -5.74
C ALA C 309 -27.06 -0.23 -6.39
N GLY C 310 -25.97 -0.41 -5.63
CA GLY C 310 -24.68 -0.89 -6.16
C GLY C 310 -23.80 -1.45 -5.07
N VAL C 311 -22.62 -1.95 -5.46
CA VAL C 311 -21.58 -2.49 -4.56
C VAL C 311 -20.21 -2.04 -5.09
N LEU C 312 -19.45 -1.34 -4.25
CA LEU C 312 -18.03 -1.00 -4.50
C LEU C 312 -17.21 -2.11 -3.83
N ALA C 313 -17.00 -3.21 -4.57
CA ALA C 313 -16.19 -4.38 -4.16
C ALA C 313 -14.85 -4.31 -4.89
N GLY C 314 -13.85 -3.70 -4.25
CA GLY C 314 -12.49 -3.57 -4.81
C GLY C 314 -11.40 -3.91 -3.82
N HIS C 315 -11.74 -4.16 -2.54
CA HIS C 315 -10.76 -4.22 -1.42
C HIS C 315 -10.57 -5.66 -0.95
N ASP C 316 -9.34 -5.99 -0.53
CA ASP C 316 -8.93 -7.33 -0.06
C ASP C 316 -9.14 -7.46 1.45
N ASN C 317 -9.41 -6.34 2.14
CA ASN C 317 -9.70 -6.30 3.60
C ASN C 317 -10.82 -5.30 3.86
N ARG C 318 -11.38 -5.31 5.07
CA ARG C 318 -12.50 -4.43 5.49
C ARG C 318 -12.12 -2.96 5.28
N VAL C 319 -13.02 -2.20 4.67
CA VAL C 319 -12.91 -0.73 4.44
C VAL C 319 -13.10 -0.02 5.79
N SER C 320 -12.15 0.83 6.18
CA SER C 320 -12.13 1.57 7.46
C SER C 320 -12.81 2.92 7.26
N CYS C 321 -12.27 3.70 6.32
CA CYS C 321 -12.65 5.10 6.03
C CYS C 321 -13.40 5.15 4.70
N LEU C 322 -14.14 6.24 4.49
CA LEU C 322 -15.03 6.46 3.32
C LEU C 322 -15.47 7.92 3.34
N GLY C 323 -15.29 8.64 2.23
CA GLY C 323 -15.63 10.07 2.13
C GLY C 323 -16.01 10.44 0.72
N VAL C 324 -17.11 11.18 0.56
CA VAL C 324 -17.53 11.78 -0.73
C VAL C 324 -16.90 13.17 -0.79
N THR C 325 -16.37 13.55 -1.97
CA THR C 325 -15.79 14.90 -2.23
C THR C 325 -16.87 15.96 -2.00
N ASP C 326 -16.46 17.19 -1.66
CA ASP C 326 -17.38 18.31 -1.34
C ASP C 326 -18.10 18.79 -2.61
N ASP C 327 -17.64 18.41 -3.81
CA ASP C 327 -18.33 18.66 -5.10
C ASP C 327 -19.03 17.38 -5.60
N GLY C 328 -19.11 16.34 -4.76
CA GLY C 328 -19.80 15.06 -5.05
C GLY C 328 -19.31 14.39 -6.31
N MET C 329 -18.02 14.54 -6.65
CA MET C 329 -17.44 14.01 -7.92
C MET C 329 -16.97 12.57 -7.72
N ALA C 330 -16.45 12.23 -6.55
CA ALA C 330 -15.84 10.91 -6.26
C ALA C 330 -16.01 10.55 -4.78
N VAL C 331 -16.04 9.24 -4.51
CA VAL C 331 -15.87 8.64 -3.16
C VAL C 331 -14.45 8.10 -3.07
N ALA C 332 -13.93 7.93 -1.86
CA ALA C 332 -12.59 7.36 -1.58
C ALA C 332 -12.70 6.39 -0.40
N THR C 333 -12.89 5.11 -0.69
CA THR C 333 -12.87 4.03 0.32
C THR C 333 -11.41 3.80 0.70
N GLY C 334 -11.17 3.30 1.91
CA GLY C 334 -9.82 3.00 2.42
C GLY C 334 -9.84 1.85 3.39
N SER C 335 -9.14 0.76 3.06
CA SER C 335 -9.22 -0.54 3.77
C SER C 335 -7.87 -0.91 4.39
N TRP C 336 -7.85 -2.03 5.11
CA TRP C 336 -6.68 -2.55 5.87
C TRP C 336 -5.62 -3.17 4.94
N ASP C 337 -5.90 -3.29 3.64
CA ASP C 337 -4.93 -3.78 2.62
C ASP C 337 -3.89 -2.69 2.28
N SER C 338 -4.00 -1.51 2.89
CA SER C 338 -3.04 -0.36 2.78
C SER C 338 -3.22 0.37 1.43
N PHE C 339 -4.32 0.11 0.72
CA PHE C 339 -4.72 0.84 -0.51
C PHE C 339 -6.01 1.59 -0.22
N LEU C 340 -6.19 2.73 -0.87
CA LEU C 340 -7.47 3.49 -0.85
C LEU C 340 -7.80 3.93 -2.29
N LYS C 341 -8.83 3.30 -2.86
CA LYS C 341 -9.30 3.54 -4.25
C LYS C 341 -10.07 4.86 -4.25
N ILE C 342 -10.27 5.42 -5.45
CA ILE C 342 -11.13 6.61 -5.68
C ILE C 342 -12.13 6.26 -6.78
N TRP C 343 -13.36 5.94 -6.39
CA TRP C 343 -14.44 5.47 -7.29
C TRP C 343 -15.11 6.69 -7.91
N ASN C 344 -16.01 6.45 -8.88
CA ASN C 344 -16.67 7.53 -9.66
C ASN C 344 -17.83 6.94 -10.45
N ILE D 9 -26.12 9.71 43.26
CA ILE D 9 -27.52 10.20 43.52
C ILE D 9 -27.77 11.48 42.71
N ALA D 10 -26.86 12.46 42.78
CA ALA D 10 -26.90 13.72 42.00
C ALA D 10 -26.79 13.42 40.50
N GLN D 11 -26.11 12.32 40.13
CA GLN D 11 -25.98 11.86 38.72
C GLN D 11 -27.37 11.51 38.16
N ALA D 12 -28.21 10.83 38.96
CA ALA D 12 -29.61 10.50 38.60
C ALA D 12 -30.40 11.80 38.41
N ARG D 13 -30.22 12.79 39.30
CA ARG D 13 -30.85 14.13 39.21
C ARG D 13 -30.47 14.76 37.87
N LYS D 14 -29.16 14.77 37.54
CA LYS D 14 -28.64 15.32 36.27
C LYS D 14 -29.32 14.64 35.08
N LEU D 15 -29.44 13.30 35.11
CA LEU D 15 -30.09 12.53 34.02
C LEU D 15 -31.57 12.95 33.89
N VAL D 16 -32.27 13.14 35.02
CA VAL D 16 -33.71 13.56 35.04
C VAL D 16 -33.82 14.96 34.41
N GLU D 17 -32.94 15.89 34.79
CA GLU D 17 -32.95 17.29 34.26
C GLU D 17 -32.63 17.26 32.76
N GLN D 18 -31.72 16.37 32.33
CA GLN D 18 -31.38 16.17 30.89
C GLN D 18 -32.64 15.74 30.13
N LEU D 19 -33.33 14.69 30.60
CA LEU D 19 -34.55 14.15 29.95
C LEU D 19 -35.68 15.18 29.99
N LYS D 20 -35.73 16.04 31.02
CA LYS D 20 -36.72 17.14 31.12
C LYS D 20 -36.45 18.20 30.05
N MET D 21 -35.19 18.61 29.88
CA MET D 21 -34.75 19.59 28.85
C MET D 21 -34.85 18.97 27.45
N GLU D 22 -34.89 17.62 27.35
CA GLU D 22 -34.99 16.88 26.06
C GLU D 22 -36.45 16.58 25.69
N ALA D 23 -37.41 16.66 26.62
CA ALA D 23 -38.81 16.25 26.42
C ALA D 23 -39.68 17.39 25.86
N ASN D 24 -39.25 18.66 25.96
CA ASN D 24 -40.09 19.85 25.62
C ASN D 24 -39.78 20.35 24.20
N ILE D 25 -39.45 19.44 23.27
CA ILE D 25 -39.05 19.75 21.86
C ILE D 25 -40.29 19.80 20.97
N ASP D 26 -40.32 20.78 20.05
CA ASP D 26 -41.39 20.96 19.03
C ASP D 26 -41.11 20.02 17.85
N ARG D 27 -41.70 18.82 17.89
CA ARG D 27 -41.60 17.83 16.79
C ARG D 27 -42.49 18.26 15.63
N ILE D 28 -42.10 17.87 14.42
CA ILE D 28 -42.94 17.95 13.19
C ILE D 28 -43.26 16.51 12.78
N LYS D 29 -44.41 16.30 12.14
CA LYS D 29 -44.87 14.96 11.71
C LYS D 29 -43.87 14.40 10.68
N VAL D 30 -43.71 13.08 10.66
CA VAL D 30 -42.81 12.36 9.72
C VAL D 30 -43.30 12.63 8.28
N SER D 31 -44.61 12.85 8.09
CA SER D 31 -45.24 13.18 6.79
C SER D 31 -44.63 14.46 6.19
N LYS D 32 -44.10 15.36 7.03
CA LYS D 32 -43.49 16.65 6.63
C LYS D 32 -41.96 16.53 6.58
N ALA D 33 -41.34 15.96 7.62
CA ALA D 33 -39.87 15.77 7.73
C ALA D 33 -39.39 14.79 6.64
N ALA D 34 -40.26 13.92 6.11
CA ALA D 34 -39.96 12.99 4.99
C ALA D 34 -40.11 13.72 3.65
N ALA D 35 -41.17 14.52 3.48
CA ALA D 35 -41.44 15.35 2.28
C ALA D 35 -40.28 16.30 2.04
N ASP D 36 -39.72 16.90 3.11
CA ASP D 36 -38.57 17.83 3.05
C ASP D 36 -37.31 17.10 2.55
N LEU D 37 -37.00 15.94 3.13
CA LEU D 37 -35.86 15.07 2.69
C LEU D 37 -36.01 14.74 1.20
N MET D 38 -37.21 14.30 0.79
CA MET D 38 -37.53 13.92 -0.61
C MET D 38 -37.38 15.13 -1.54
N ALA D 39 -37.94 16.28 -1.15
CA ALA D 39 -37.90 17.54 -1.95
C ALA D 39 -36.44 17.99 -2.15
N TYR D 40 -35.62 17.92 -1.09
CA TYR D 40 -34.18 18.29 -1.14
C TYR D 40 -33.43 17.35 -2.09
N CYS D 41 -33.59 16.03 -1.90
CA CYS D 41 -32.97 14.97 -2.75
C CYS D 41 -33.34 15.19 -4.22
N GLU D 42 -34.59 15.58 -4.50
CA GLU D 42 -35.11 15.81 -5.87
C GLU D 42 -34.52 17.10 -6.45
N ALA D 43 -34.51 18.20 -5.69
CA ALA D 43 -34.11 19.54 -6.17
C ALA D 43 -32.64 19.57 -6.62
N HIS D 44 -31.76 18.74 -6.02
CA HIS D 44 -30.30 18.71 -6.26
C HIS D 44 -29.88 17.43 -7.02
N ALA D 45 -30.79 16.78 -7.73
CA ALA D 45 -30.52 15.52 -8.48
C ALA D 45 -29.54 15.77 -9.64
N LYS D 46 -29.57 16.97 -10.22
CA LYS D 46 -28.70 17.36 -11.38
C LYS D 46 -27.27 17.68 -10.91
N GLU D 47 -27.10 18.13 -9.66
CA GLU D 47 -25.77 18.46 -9.06
C GLU D 47 -25.23 17.26 -8.27
N ASP D 48 -25.52 16.03 -8.69
CA ASP D 48 -25.01 14.79 -8.04
C ASP D 48 -24.25 13.98 -9.08
N PRO D 49 -22.94 14.27 -9.31
CA PRO D 49 -22.14 13.52 -10.29
C PRO D 49 -21.97 12.02 -10.05
N LEU D 50 -22.54 11.46 -8.97
CA LEU D 50 -22.59 9.99 -8.71
C LEU D 50 -23.93 9.40 -9.15
N LEU D 51 -25.04 10.17 -9.07
CA LEU D 51 -26.36 9.73 -9.57
C LEU D 51 -26.29 9.62 -11.11
N THR D 52 -26.01 10.75 -11.76
CA THR D 52 -25.91 10.89 -13.24
C THR D 52 -24.43 11.03 -13.59
N PRO D 53 -23.73 9.93 -13.96
CA PRO D 53 -22.30 10.00 -14.29
C PRO D 53 -22.03 10.97 -15.44
N VAL D 54 -21.33 12.08 -15.12
CA VAL D 54 -20.93 13.15 -16.09
C VAL D 54 -20.03 12.53 -17.17
N PRO D 55 -20.02 13.09 -18.41
CA PRO D 55 -19.16 12.57 -19.47
C PRO D 55 -17.68 12.76 -19.16
N ALA D 56 -16.83 11.87 -19.68
CA ALA D 56 -15.37 11.81 -19.44
C ALA D 56 -14.68 13.13 -19.82
N SER D 57 -15.34 13.99 -20.61
CA SER D 57 -14.84 15.33 -21.00
C SER D 57 -14.81 16.27 -19.78
N GLU D 58 -15.68 16.06 -18.78
CA GLU D 58 -15.75 16.92 -17.55
C GLU D 58 -15.51 16.10 -16.27
N ASN D 59 -15.40 14.77 -16.35
CA ASN D 59 -15.02 13.89 -15.21
C ASN D 59 -13.51 14.00 -15.00
N PRO D 60 -13.02 14.64 -13.91
CA PRO D 60 -11.59 14.81 -13.71
C PRO D 60 -10.82 13.53 -13.34
N PHE D 61 -11.52 12.41 -13.15
CA PHE D 61 -10.95 11.07 -12.85
C PHE D 61 -11.12 10.16 -14.07
N ASP E 1 13.11 31.80 9.98
CA ASP E 1 13.87 32.93 9.34
C ASP E 1 14.78 32.37 8.25
N VAL E 2 14.25 32.21 7.03
CA VAL E 2 14.98 31.64 5.87
C VAL E 2 15.98 32.69 5.39
N GLN E 3 17.19 32.25 5.02
CA GLN E 3 18.26 33.13 4.49
C GLN E 3 19.12 32.33 3.50
N LEU E 4 19.29 32.87 2.30
CA LEU E 4 20.26 32.38 1.29
C LEU E 4 21.40 33.39 1.21
N VAL E 5 22.64 32.95 1.46
CA VAL E 5 23.86 33.80 1.45
C VAL E 5 24.82 33.24 0.40
N GLU E 6 25.06 34.02 -0.67
CA GLU E 6 26.04 33.70 -1.73
C GLU E 6 27.40 34.26 -1.34
N SER E 7 28.46 33.51 -1.68
CA SER E 7 29.87 33.89 -1.45
C SER E 7 30.75 33.22 -2.52
N GLY E 8 31.74 33.94 -3.05
CA GLY E 8 32.65 33.47 -4.11
C GLY E 8 32.78 34.44 -5.28
N GLY E 9 32.14 35.62 -5.23
CA GLY E 9 32.26 36.68 -6.24
C GLY E 9 33.63 37.34 -6.19
N GLY E 10 33.86 38.31 -7.09
CA GLY E 10 35.11 39.07 -7.22
C GLY E 10 35.52 39.22 -8.68
N LEU E 11 36.67 39.85 -8.92
CA LEU E 11 37.24 40.06 -10.27
C LEU E 11 38.01 38.80 -10.68
N VAL E 12 37.65 38.23 -11.84
CA VAL E 12 38.31 37.03 -12.43
C VAL E 12 38.86 37.42 -13.81
N GLN E 13 39.96 36.80 -14.23
CA GLN E 13 40.48 36.95 -15.61
C GLN E 13 39.67 36.04 -16.53
N PRO E 14 39.35 36.49 -17.77
CA PRO E 14 38.56 35.68 -18.69
C PRO E 14 39.22 34.34 -19.05
N GLY E 15 38.40 33.30 -19.19
CA GLY E 15 38.86 31.91 -19.42
C GLY E 15 39.33 31.23 -18.15
N GLY E 16 39.21 31.89 -16.99
CA GLY E 16 39.60 31.32 -15.68
C GLY E 16 38.54 30.38 -15.16
N SER E 17 38.51 30.17 -13.84
CA SER E 17 37.47 29.38 -13.14
C SER E 17 37.15 30.03 -11.79
N ARG E 18 35.96 29.73 -11.29
CA ARG E 18 35.48 30.21 -9.97
C ARG E 18 34.34 29.30 -9.51
N LYS E 19 34.13 29.21 -8.19
CA LYS E 19 33.01 28.45 -7.58
C LYS E 19 32.26 29.37 -6.62
N LEU E 20 30.96 29.53 -6.86
CA LEU E 20 30.04 30.30 -5.97
C LEU E 20 29.34 29.32 -5.03
N SER E 21 29.29 29.67 -3.74
CA SER E 21 28.64 28.89 -2.65
C SER E 21 27.47 29.69 -2.09
N CYS E 22 26.26 29.13 -2.18
CA CYS E 22 25.02 29.68 -1.56
C CYS E 22 24.68 28.85 -0.32
N SER E 23 25.12 29.32 0.84
CA SER E 23 24.91 28.64 2.16
C SER E 23 23.50 28.97 2.67
N ALA E 24 22.58 28.01 2.58
CA ALA E 24 21.19 28.13 3.06
C ALA E 24 21.14 27.83 4.56
N SER E 25 20.32 28.58 5.30
CA SER E 25 20.16 28.44 6.78
C SER E 25 18.82 29.03 7.22
N GLY E 26 17.90 28.18 7.69
CA GLY E 26 16.59 28.60 8.23
C GLY E 26 15.40 27.87 7.63
N PHE E 27 15.62 26.89 6.75
CA PHE E 27 14.55 26.03 6.17
C PHE E 27 15.11 24.64 5.88
N ALA E 28 14.21 23.69 5.57
CA ALA E 28 14.55 22.35 5.06
C ALA E 28 15.16 22.51 3.67
N PHE E 29 16.49 22.58 3.58
CA PHE E 29 17.23 22.84 2.31
C PHE E 29 17.14 21.59 1.42
N SER E 30 17.12 20.41 2.02
CA SER E 30 17.08 19.09 1.33
C SER E 30 15.80 18.94 0.49
N SER E 31 14.71 19.63 0.86
CA SER E 31 13.37 19.49 0.24
C SER E 31 13.16 20.49 -0.91
N PHE E 32 14.03 21.50 -1.07
CA PHE E 32 13.86 22.62 -2.03
C PHE E 32 14.75 22.42 -3.26
N GLY E 33 14.13 22.39 -4.44
CA GLY E 33 14.83 22.52 -5.73
C GLY E 33 15.40 23.93 -5.88
N MET E 34 16.72 24.04 -6.03
CA MET E 34 17.45 25.33 -5.99
C MET E 34 17.86 25.73 -7.42
N HIS E 35 17.67 27.01 -7.74
CA HIS E 35 18.03 27.64 -9.04
C HIS E 35 19.22 28.57 -8.84
N TRP E 36 19.90 28.89 -9.95
CA TRP E 36 20.81 30.05 -10.09
C TRP E 36 20.27 30.93 -11.22
N VAL E 37 20.03 32.21 -10.91
CA VAL E 37 19.66 33.24 -11.92
C VAL E 37 20.64 34.40 -11.75
N ARG E 38 21.08 34.98 -12.87
CA ARG E 38 22.04 36.09 -12.88
C ARG E 38 21.37 37.33 -13.49
N GLN E 39 21.97 38.48 -13.24
CA GLN E 39 21.50 39.80 -13.73
C GLN E 39 22.71 40.61 -14.18
N ALA E 40 22.82 40.88 -15.49
CA ALA E 40 23.86 41.76 -16.07
C ALA E 40 23.82 43.11 -15.35
N PRO E 41 24.93 43.88 -15.31
CA PRO E 41 25.03 45.08 -14.47
C PRO E 41 23.88 46.09 -14.55
N GLU E 42 23.17 46.17 -15.70
CA GLU E 42 22.02 47.11 -15.87
C GLU E 42 20.88 46.48 -16.70
N LYS E 43 20.84 45.15 -16.85
CA LYS E 43 19.81 44.45 -17.67
C LYS E 43 18.88 43.62 -16.77
N GLY E 44 17.89 42.98 -17.37
CA GLY E 44 16.92 42.11 -16.69
C GLY E 44 17.54 40.81 -16.22
N LEU E 45 16.79 40.04 -15.44
CA LEU E 45 17.22 38.73 -14.89
C LEU E 45 17.34 37.73 -16.03
N GLU E 46 18.12 36.67 -15.80
CA GLU E 46 18.42 35.61 -16.80
C GLU E 46 18.70 34.32 -16.04
N TRP E 47 17.99 33.26 -16.38
CA TRP E 47 18.14 31.92 -15.73
C TRP E 47 19.47 31.30 -16.15
N VAL E 48 20.11 30.58 -15.22
CA VAL E 48 21.49 30.00 -15.43
C VAL E 48 21.42 28.48 -15.31
N ALA E 49 21.01 27.96 -14.16
CA ALA E 49 21.00 26.52 -13.85
C ALA E 49 19.97 26.22 -12.76
N TYR E 50 19.64 24.94 -12.62
CA TYR E 50 18.66 24.41 -11.63
C TYR E 50 19.04 22.98 -11.29
N ILE E 51 18.96 22.65 -10.01
CA ILE E 51 19.18 21.27 -9.47
C ILE E 51 18.01 20.96 -8.53
N SER E 52 17.29 19.87 -8.81
CA SER E 52 16.06 19.48 -8.06
C SER E 52 16.45 18.94 -6.68
N SER E 53 15.45 18.62 -5.85
CA SER E 53 15.63 17.98 -4.51
C SER E 53 16.13 16.54 -4.71
N GLY E 54 17.23 16.19 -4.05
CA GLY E 54 17.91 14.88 -4.19
C GLY E 54 18.86 14.85 -5.39
N SER E 55 19.09 16.00 -6.05
CA SER E 55 20.07 16.18 -7.16
C SER E 55 19.74 15.28 -8.36
N GLY E 56 18.52 14.74 -8.45
CA GLY E 56 18.12 13.73 -9.43
C GLY E 56 17.83 14.32 -10.80
N THR E 57 17.73 15.66 -10.90
CA THR E 57 17.41 16.40 -12.14
C THR E 57 18.18 17.72 -12.16
N ILE E 58 18.87 17.99 -13.29
CA ILE E 58 19.64 19.24 -13.53
C ILE E 58 19.30 19.75 -14.93
N TYR E 59 19.23 21.08 -15.08
CA TYR E 59 19.16 21.79 -16.37
C TYR E 59 20.13 22.97 -16.36
N TYR E 60 20.48 23.46 -17.55
CA TYR E 60 21.32 24.66 -17.75
C TYR E 60 20.75 25.50 -18.90
N ALA E 61 20.96 26.81 -18.84
CA ALA E 61 20.78 27.74 -19.97
C ALA E 61 21.81 27.40 -21.04
N ASP E 62 21.41 27.47 -22.31
CA ASP E 62 22.24 27.09 -23.49
C ASP E 62 23.53 27.93 -23.52
N THR E 63 23.48 29.16 -23.03
CA THR E 63 24.63 30.10 -22.94
C THR E 63 25.72 29.52 -22.02
N VAL E 64 25.34 28.87 -20.91
CA VAL E 64 26.28 28.42 -19.84
C VAL E 64 26.36 26.89 -19.78
N LYS E 65 25.77 26.17 -20.74
CA LYS E 65 25.80 24.68 -20.77
C LYS E 65 27.22 24.21 -21.08
N GLY E 66 27.69 23.17 -20.38
CA GLY E 66 29.01 22.54 -20.56
C GLY E 66 30.09 23.20 -19.71
N ARG E 67 30.04 24.52 -19.54
CA ARG E 67 31.06 25.33 -18.83
C ARG E 67 30.77 25.33 -17.33
N PHE E 68 29.49 25.52 -16.97
CA PHE E 68 28.99 25.63 -15.56
C PHE E 68 28.55 24.24 -15.10
N THR E 69 28.80 23.95 -13.82
CA THR E 69 28.36 22.71 -13.13
C THR E 69 27.72 23.11 -11.80
N ILE E 70 26.42 22.86 -11.66
CA ILE E 70 25.65 23.09 -10.41
C ILE E 70 25.75 21.81 -9.57
N SER E 71 25.83 21.97 -8.25
CA SER E 71 25.88 20.85 -7.27
C SER E 71 25.46 21.37 -5.90
N ARG E 72 24.93 20.48 -5.06
CA ARG E 72 24.45 20.82 -3.70
C ARG E 72 24.98 19.78 -2.72
N ASP E 73 25.33 20.21 -1.50
CA ASP E 73 25.69 19.33 -0.36
C ASP E 73 24.62 19.50 0.71
N ASP E 74 23.62 18.59 0.71
CA ASP E 74 22.41 18.66 1.56
C ASP E 74 22.78 18.57 3.05
N PRO E 75 23.71 17.69 3.49
CA PRO E 75 24.16 17.68 4.88
C PRO E 75 24.74 19.01 5.39
N LYS E 76 25.52 19.71 4.55
CA LYS E 76 26.21 20.98 4.89
C LYS E 76 25.35 22.20 4.53
N ASN E 77 24.22 22.00 3.82
CA ASN E 77 23.25 23.07 3.47
C ASN E 77 23.98 24.13 2.65
N THR E 78 24.55 23.72 1.51
CA THR E 78 25.33 24.59 0.58
C THR E 78 25.03 24.19 -0.86
N LEU E 79 24.86 25.20 -1.72
CA LEU E 79 24.61 25.05 -3.17
C LEU E 79 25.79 25.67 -3.92
N PHE E 80 26.40 24.91 -4.84
CA PHE E 80 27.61 25.31 -5.59
C PHE E 80 27.25 25.59 -7.05
N LEU E 81 28.02 26.48 -7.69
CA LEU E 81 28.05 26.67 -9.16
C LEU E 81 29.52 26.74 -9.60
N GLN E 82 30.11 25.58 -9.91
CA GLN E 82 31.50 25.47 -10.42
C GLN E 82 31.50 25.87 -11.90
N MET E 83 31.89 27.12 -12.17
CA MET E 83 31.90 27.72 -13.53
C MET E 83 33.34 27.75 -14.05
N THR E 84 33.54 27.31 -15.30
CA THR E 84 34.86 27.17 -15.95
C THR E 84 34.86 28.00 -17.24
N SER E 85 36.05 28.45 -17.67
CA SER E 85 36.29 29.25 -18.90
C SER E 85 35.30 30.42 -18.95
N LEU E 86 35.42 31.35 -18.00
CA LEU E 86 34.54 32.54 -17.87
C LEU E 86 34.77 33.46 -19.06
N ARG E 87 33.68 33.88 -19.71
CA ARG E 87 33.69 34.84 -20.83
C ARG E 87 33.35 36.23 -20.29
N SER E 88 33.62 37.27 -21.09
CA SER E 88 33.30 38.70 -20.79
C SER E 88 31.78 38.92 -20.69
N GLU E 89 30.94 37.95 -21.09
CA GLU E 89 29.46 38.02 -21.04
C GLU E 89 28.89 37.32 -19.79
N ASP E 90 29.71 37.09 -18.75
CA ASP E 90 29.28 36.46 -17.46
C ASP E 90 29.41 37.44 -16.28
N THR E 91 29.88 38.66 -16.53
CA THR E 91 29.98 39.74 -15.50
C THR E 91 28.55 40.11 -15.07
N ALA E 92 28.03 39.45 -14.03
CA ALA E 92 26.64 39.63 -13.56
C ALA E 92 26.55 39.27 -12.08
N MET E 93 25.56 39.83 -11.38
CA MET E 93 25.19 39.46 -10.00
C MET E 93 24.38 38.16 -10.06
N TYR E 94 24.80 37.14 -9.30
CA TYR E 94 24.19 35.78 -9.27
C TYR E 94 23.37 35.62 -7.98
N TYR E 95 22.08 35.33 -8.15
CA TYR E 95 21.13 34.97 -7.05
C TYR E 95 20.91 33.46 -7.05
N CYS E 96 20.95 32.85 -5.86
CA CYS E 96 20.44 31.47 -5.63
C CYS E 96 18.99 31.58 -5.14
N VAL E 97 18.08 30.91 -5.85
CA VAL E 97 16.61 31.01 -5.65
C VAL E 97 16.08 29.63 -5.25
N ARG E 98 15.49 29.52 -4.07
CA ARG E 98 14.82 28.28 -3.62
C ARG E 98 13.49 28.17 -4.37
N SER E 99 13.05 26.93 -4.61
CA SER E 99 11.75 26.62 -5.24
C SER E 99 11.33 25.20 -4.87
N ILE E 100 10.14 25.05 -4.30
CA ILE E 100 9.57 23.72 -3.94
C ILE E 100 8.36 23.47 -4.84
N TYR E 101 8.29 22.27 -5.43
CA TYR E 101 7.27 21.87 -6.43
C TYR E 101 6.41 20.75 -5.86
N TYR E 102 5.21 21.11 -5.44
CA TYR E 102 4.06 20.19 -5.20
C TYR E 102 2.78 20.94 -5.56
N TYR E 103 1.64 20.24 -5.54
CA TYR E 103 0.32 20.82 -5.88
C TYR E 103 0.00 21.96 -4.91
N GLY E 104 0.02 23.21 -5.41
CA GLY E 104 -0.35 24.42 -4.65
C GLY E 104 0.84 25.13 -4.03
N SER E 105 2.08 24.67 -4.30
CA SER E 105 3.33 25.29 -3.80
C SER E 105 3.61 26.58 -4.58
N SER E 106 4.42 27.48 -3.99
CA SER E 106 4.85 28.76 -4.59
C SER E 106 6.36 28.72 -4.86
N PRO E 107 6.82 28.17 -6.01
CA PRO E 107 8.24 28.18 -6.35
C PRO E 107 8.77 29.60 -6.59
N PHE E 108 10.09 29.79 -6.41
CA PHE E 108 10.82 31.08 -6.56
C PHE E 108 10.38 32.07 -5.47
N ASP E 109 9.94 31.57 -4.30
CA ASP E 109 9.32 32.43 -3.26
C ASP E 109 10.41 33.27 -2.57
N PHE E 110 11.54 32.66 -2.21
CA PHE E 110 12.68 33.35 -1.54
C PHE E 110 13.92 33.36 -2.44
N TRP E 111 14.55 34.54 -2.53
CA TRP E 111 15.74 34.82 -3.35
C TRP E 111 16.91 35.16 -2.44
N GLY E 112 18.11 34.67 -2.77
CA GLY E 112 19.37 35.05 -2.09
C GLY E 112 19.67 36.53 -2.29
N GLN E 113 20.65 37.04 -1.54
CA GLN E 113 20.98 38.49 -1.50
C GLN E 113 21.80 38.88 -2.74
N GLY E 114 22.47 37.90 -3.36
CA GLY E 114 23.21 38.06 -4.63
C GLY E 114 24.69 38.30 -4.37
N THR E 115 25.55 37.65 -5.16
CA THR E 115 27.03 37.83 -5.16
C THR E 115 27.43 38.48 -6.48
N THR E 116 28.26 39.53 -6.44
CA THR E 116 28.76 40.24 -7.65
C THR E 116 29.98 39.49 -8.18
N LEU E 117 29.85 38.89 -9.36
CA LEU E 117 30.97 38.31 -10.15
C LEU E 117 31.23 39.22 -11.35
N THR E 118 32.47 39.68 -11.48
CA THR E 118 32.96 40.52 -12.61
C THR E 118 34.19 39.84 -13.21
N VAL E 119 34.33 39.93 -14.54
CA VAL E 119 35.49 39.41 -15.30
C VAL E 119 36.08 40.57 -16.12
N SER E 120 37.38 40.54 -16.37
CA SER E 120 38.13 41.57 -17.14
C SER E 120 38.00 41.29 -18.64
N SER E 136 13.30 28.93 -30.68
CA SER E 136 12.83 27.60 -30.18
C SER E 136 12.15 27.76 -28.81
N ASP E 137 12.87 28.37 -27.85
CA ASP E 137 12.38 28.66 -26.47
C ASP E 137 11.30 29.75 -26.52
N ILE E 138 10.65 29.99 -25.38
CA ILE E 138 9.56 31.00 -25.22
C ILE E 138 10.22 32.36 -24.97
N VAL E 139 9.67 33.42 -25.56
CA VAL E 139 10.14 34.83 -25.39
C VAL E 139 9.01 35.61 -24.68
N MET E 140 9.35 36.28 -23.58
CA MET E 140 8.42 37.11 -22.78
C MET E 140 8.68 38.57 -23.13
N THR E 141 7.68 39.27 -23.69
CA THR E 141 7.80 40.66 -24.20
C THR E 141 7.06 41.60 -23.25
N GLN E 142 7.81 42.36 -22.44
CA GLN E 142 7.28 43.52 -21.67
C GLN E 142 7.42 44.77 -22.55
N ALA E 143 6.36 45.11 -23.30
CA ALA E 143 6.32 46.21 -24.29
C ALA E 143 6.76 47.52 -23.63
N THR E 144 6.06 47.95 -22.59
CA THR E 144 6.42 49.14 -21.75
C THR E 144 7.68 48.80 -20.95
N SER E 145 8.70 49.66 -21.04
CA SER E 145 10.00 49.54 -20.31
C SER E 145 10.12 50.62 -19.23
N SER E 146 9.23 51.62 -19.21
CA SER E 146 9.22 52.72 -18.20
C SER E 146 7.84 53.38 -18.19
N VAL E 147 7.28 53.59 -17.00
CA VAL E 147 5.97 54.30 -16.81
C VAL E 147 6.03 55.05 -15.48
N PRO E 148 6.01 56.40 -15.49
CA PRO E 148 5.99 57.17 -14.25
C PRO E 148 4.61 57.10 -13.60
N VAL E 149 4.57 57.17 -12.27
CA VAL E 149 3.32 57.02 -11.47
C VAL E 149 3.49 57.77 -10.15
N THR E 150 2.39 58.34 -9.64
CA THR E 150 2.28 59.02 -8.33
C THR E 150 1.58 58.07 -7.36
N PRO E 151 1.94 58.03 -6.06
CA PRO E 151 1.27 57.16 -5.10
C PRO E 151 -0.24 57.41 -4.96
N GLY E 152 -1.00 56.36 -4.65
CA GLY E 152 -2.46 56.39 -4.47
C GLY E 152 -3.22 55.99 -5.72
N GLU E 153 -2.60 56.09 -6.91
CA GLU E 153 -3.22 55.72 -8.21
C GLU E 153 -3.24 54.19 -8.36
N SER E 154 -3.85 53.73 -9.46
CA SER E 154 -3.87 52.31 -9.91
C SER E 154 -3.06 52.19 -11.20
N VAL E 155 -2.04 51.31 -11.20
CA VAL E 155 -1.13 51.07 -12.35
C VAL E 155 -1.41 49.67 -12.89
N SER E 156 -1.24 49.49 -14.20
CA SER E 156 -1.44 48.21 -14.94
C SER E 156 -0.19 47.90 -15.76
N ILE E 157 0.55 46.86 -15.36
CA ILE E 157 1.75 46.34 -16.08
C ILE E 157 1.31 45.15 -16.93
N SER E 158 1.72 45.14 -18.20
CA SER E 158 1.35 44.11 -19.21
C SER E 158 2.58 43.27 -19.58
N CYS E 159 2.36 41.99 -19.87
CA CYS E 159 3.38 41.03 -20.36
C CYS E 159 2.69 40.03 -21.30
N ARG E 160 3.16 39.95 -22.55
CA ARG E 160 2.67 38.97 -23.55
C ARG E 160 3.77 37.94 -23.81
N SER E 161 3.38 36.68 -23.98
CA SER E 161 4.26 35.53 -24.31
C SER E 161 4.15 35.23 -25.80
N SER E 162 5.02 34.33 -26.31
CA SER E 162 5.01 33.83 -27.69
C SER E 162 4.17 32.55 -27.75
N LYS E 163 4.57 31.54 -26.98
CA LYS E 163 3.81 30.27 -26.78
C LYS E 163 2.71 30.49 -25.74
N SER E 164 1.61 29.74 -25.82
CA SER E 164 0.48 29.77 -24.87
C SER E 164 0.90 29.08 -23.57
N LEU E 165 0.90 29.82 -22.45
CA LEU E 165 1.34 29.33 -21.12
C LEU E 165 0.22 28.57 -20.40
N LEU E 166 -1.03 28.73 -20.85
CA LEU E 166 -2.17 27.94 -20.32
C LEU E 166 -1.97 26.47 -20.71
N HIS E 167 -1.46 25.66 -19.78
CA HIS E 167 -1.26 24.20 -19.94
C HIS E 167 -2.63 23.52 -20.00
N SER E 168 -2.67 22.28 -20.50
CA SER E 168 -3.89 21.44 -20.62
C SER E 168 -4.56 21.19 -19.26
N ASN E 169 -3.76 21.09 -18.19
CA ASN E 169 -4.23 20.75 -16.80
C ASN E 169 -4.92 21.96 -16.14
N GLY E 170 -4.87 23.15 -16.75
CA GLY E 170 -5.57 24.36 -16.29
C GLY E 170 -4.61 25.42 -15.76
N ASN E 171 -3.47 25.01 -15.21
CA ASN E 171 -2.42 25.93 -14.67
C ASN E 171 -1.78 26.69 -15.85
N THR E 172 -1.71 28.01 -15.70
CA THR E 172 -1.11 28.96 -16.68
C THR E 172 0.16 29.55 -16.04
N TYR E 173 1.30 28.89 -16.28
CA TYR E 173 2.57 29.10 -15.54
C TYR E 173 3.19 30.44 -15.96
N LEU E 174 2.87 31.50 -15.22
CA LEU E 174 3.50 32.83 -15.36
C LEU E 174 3.63 33.48 -13.98
N TYR E 175 4.85 33.91 -13.65
CA TYR E 175 5.24 34.47 -12.34
C TYR E 175 5.61 35.94 -12.51
N TRP E 176 5.18 36.76 -11.55
CA TRP E 176 5.50 38.21 -11.45
C TRP E 176 6.45 38.42 -10.28
N PHE E 177 7.65 38.93 -10.57
CA PHE E 177 8.67 39.34 -9.56
C PHE E 177 8.78 40.85 -9.54
N LEU E 178 9.05 41.40 -8.36
CA LEU E 178 9.37 42.82 -8.12
C LEU E 178 10.76 42.90 -7.50
N GLN E 179 11.65 43.70 -8.12
CA GLN E 179 13.01 44.00 -7.61
C GLN E 179 13.08 45.50 -7.27
N ARG E 180 13.02 45.83 -5.99
CA ARG E 180 13.17 47.23 -5.51
C ARG E 180 14.63 47.65 -5.67
N PRO E 181 14.93 48.97 -5.77
CA PRO E 181 16.30 49.45 -5.95
C PRO E 181 17.27 48.99 -4.85
N GLY E 182 18.41 48.42 -5.25
CA GLY E 182 19.47 47.90 -4.35
C GLY E 182 18.98 46.73 -3.51
N GLN E 183 18.06 45.91 -4.04
CA GLN E 183 17.45 44.74 -3.35
C GLN E 183 17.60 43.49 -4.24
N SER E 184 17.08 42.36 -3.78
CA SER E 184 16.89 41.11 -4.55
C SER E 184 15.41 40.96 -4.90
N PRO E 185 15.05 40.56 -6.14
CA PRO E 185 13.65 40.42 -6.53
C PRO E 185 12.89 39.42 -5.64
N GLN E 186 11.65 39.74 -5.29
CA GLN E 186 10.77 38.88 -4.46
C GLN E 186 9.58 38.44 -5.31
N LEU E 187 9.06 37.23 -5.05
CA LEU E 187 7.87 36.69 -5.75
C LEU E 187 6.64 37.52 -5.34
N LEU E 188 5.84 37.95 -6.32
CA LEU E 188 4.55 38.67 -6.07
C LEU E 188 3.39 37.70 -6.33
N ILE E 189 3.30 37.21 -7.57
CA ILE E 189 2.21 36.34 -8.07
C ILE E 189 2.83 35.13 -8.78
N TYR E 190 2.31 33.93 -8.48
CA TYR E 190 2.69 32.65 -9.14
C TYR E 190 1.45 32.08 -9.84
N ARG E 191 1.60 31.76 -11.13
CA ARG E 191 0.57 31.22 -12.05
C ARG E 191 -0.49 32.31 -12.28
N MET E 192 -0.03 33.57 -12.34
CA MET E 192 -0.76 34.79 -12.81
C MET E 192 -2.08 35.04 -12.06
N SER E 193 -2.41 34.27 -11.02
CA SER E 193 -3.64 34.42 -10.20
C SER E 193 -3.29 34.51 -8.72
N ASN E 194 -2.50 33.54 -8.23
CA ASN E 194 -2.28 33.27 -6.79
C ASN E 194 -1.31 34.31 -6.23
N LEU E 195 -1.70 35.01 -5.17
CA LEU E 195 -0.81 35.97 -4.45
C LEU E 195 0.20 35.16 -3.62
N ALA E 196 1.47 35.61 -3.62
CA ALA E 196 2.55 35.05 -2.79
C ALA E 196 2.26 35.36 -1.32
N SER E 197 2.79 34.54 -0.41
CA SER E 197 2.62 34.67 1.06
C SER E 197 3.35 35.94 1.54
N GLY E 198 2.65 36.78 2.31
CA GLY E 198 3.20 38.02 2.90
C GLY E 198 3.13 39.21 1.94
N VAL E 199 2.48 39.06 0.78
CA VAL E 199 2.29 40.16 -0.21
C VAL E 199 0.92 40.79 0.05
N PRO E 200 0.82 42.13 0.13
CA PRO E 200 -0.48 42.80 0.30
C PRO E 200 -1.41 42.56 -0.89
N ASP E 201 -2.73 42.66 -0.67
CA ASP E 201 -3.78 42.33 -1.67
C ASP E 201 -4.03 43.51 -2.62
N ARG E 202 -3.06 44.41 -2.77
CA ARG E 202 -3.09 45.51 -3.78
C ARG E 202 -2.80 44.90 -5.15
N PHE E 203 -1.81 44.01 -5.23
CA PHE E 203 -1.38 43.32 -6.48
C PHE E 203 -2.43 42.28 -6.84
N SER E 204 -2.85 42.27 -8.11
CA SER E 204 -3.83 41.30 -8.68
C SER E 204 -3.37 40.88 -10.07
N GLY E 205 -3.27 39.57 -10.31
CA GLY E 205 -2.88 38.98 -11.59
C GLY E 205 -4.11 38.57 -12.39
N SER E 206 -4.09 38.81 -13.69
CA SER E 206 -5.18 38.48 -14.65
C SER E 206 -4.60 38.24 -16.04
N GLY E 207 -5.47 37.89 -17.00
CA GLY E 207 -5.13 37.69 -18.42
C GLY E 207 -5.59 36.33 -18.92
N SER E 208 -5.03 35.91 -20.05
CA SER E 208 -5.23 34.60 -20.71
C SER E 208 -3.91 34.10 -21.29
N GLY E 209 -3.93 33.00 -22.06
CA GLY E 209 -2.76 32.50 -22.82
C GLY E 209 -2.18 33.59 -23.72
N THR E 210 -0.87 33.85 -23.60
CA THR E 210 -0.07 34.78 -24.44
C THR E 210 -0.48 36.25 -24.22
N ALA E 211 -1.20 36.55 -23.14
CA ALA E 211 -1.58 37.91 -22.73
C ALA E 211 -1.79 37.86 -21.22
N PHE E 212 -1.08 38.69 -20.46
CA PHE E 212 -1.08 38.68 -18.97
C PHE E 212 -0.93 40.11 -18.52
N THR E 213 -1.47 40.40 -17.34
CA THR E 213 -1.52 41.77 -16.78
C THR E 213 -1.42 41.68 -15.25
N LEU E 214 -0.46 42.40 -14.67
CA LEU E 214 -0.37 42.66 -13.22
C LEU E 214 -0.88 44.07 -12.95
N THR E 215 -2.03 44.18 -12.27
CA THR E 215 -2.66 45.47 -11.87
C THR E 215 -2.41 45.69 -10.38
N ILE E 216 -1.99 46.91 -10.02
CA ILE E 216 -1.73 47.33 -8.61
C ILE E 216 -2.68 48.49 -8.29
N SER E 217 -3.58 48.28 -7.32
CA SER E 217 -4.56 49.28 -6.83
C SER E 217 -3.99 50.00 -5.62
N ARG E 218 -4.10 51.34 -5.58
CA ARG E 218 -3.61 52.19 -4.46
C ARG E 218 -2.11 51.97 -4.30
N LEU E 219 -1.35 52.27 -5.35
CA LEU E 219 0.14 52.20 -5.37
C LEU E 219 0.68 53.09 -4.25
N GLU E 220 1.69 52.62 -3.52
CA GLU E 220 2.40 53.41 -2.47
C GLU E 220 3.89 53.39 -2.78
N ALA E 221 4.70 54.08 -1.96
CA ALA E 221 6.13 54.38 -2.20
C ALA E 221 7.01 53.13 -2.04
N GLU E 222 6.43 51.95 -1.80
CA GLU E 222 7.15 50.66 -1.65
C GLU E 222 7.07 49.82 -2.94
N ASP E 223 6.16 50.15 -3.87
CA ASP E 223 5.91 49.36 -5.12
C ASP E 223 6.87 49.78 -6.23
N VAL E 224 7.56 50.92 -6.09
CA VAL E 224 8.54 51.43 -7.09
C VAL E 224 9.71 50.43 -7.21
N GLY E 225 10.19 50.24 -8.43
CA GLY E 225 11.23 49.24 -8.77
C GLY E 225 11.04 48.72 -10.18
N VAL E 226 11.46 47.47 -10.42
CA VAL E 226 11.37 46.78 -11.74
C VAL E 226 10.53 45.50 -11.56
N TYR E 227 9.55 45.31 -12.44
CA TYR E 227 8.61 44.15 -12.44
C TYR E 227 8.97 43.21 -13.59
N TYR E 228 9.44 42.01 -13.24
CA TYR E 228 9.88 40.97 -14.21
C TYR E 228 8.75 39.94 -14.38
N CYS E 229 8.64 39.43 -15.60
CA CYS E 229 7.59 38.51 -16.08
C CYS E 229 8.26 37.20 -16.51
N MET E 230 8.19 36.17 -15.67
CA MET E 230 8.87 34.88 -15.89
C MET E 230 7.82 33.82 -16.25
N GLN E 231 8.11 32.99 -17.25
CA GLN E 231 7.32 31.79 -17.61
C GLN E 231 7.98 30.57 -16.97
N HIS E 232 7.19 29.54 -16.67
CA HIS E 232 7.64 28.26 -16.06
C HIS E 232 6.95 27.07 -16.77
N LEU E 233 6.76 27.16 -18.08
CA LEU E 233 6.03 26.12 -18.85
C LEU E 233 7.01 25.00 -19.24
N GLU E 234 8.19 25.37 -19.75
CA GLU E 234 9.32 24.45 -20.08
C GLU E 234 10.62 25.05 -19.56
N TYR E 235 11.74 24.31 -19.66
CA TYR E 235 12.94 24.50 -18.81
C TYR E 235 14.15 25.05 -19.57
N PRO E 236 13.98 26.02 -20.51
CA PRO E 236 14.67 27.30 -20.38
C PRO E 236 13.70 28.29 -19.74
N LEU E 237 14.09 28.93 -18.63
CA LEU E 237 13.24 29.89 -17.90
C LEU E 237 13.60 31.32 -18.34
N THR E 238 12.74 31.89 -19.18
CA THR E 238 12.95 33.20 -19.84
C THR E 238 12.16 34.26 -19.08
N PHE E 239 12.86 35.27 -18.58
CA PHE E 239 12.28 36.45 -17.89
C PHE E 239 11.89 37.50 -18.94
N GLY E 240 11.15 38.52 -18.51
CA GLY E 240 10.85 39.72 -19.30
C GLY E 240 12.00 40.72 -19.25
N ALA E 241 11.95 41.76 -20.08
CA ALA E 241 12.92 42.88 -20.11
C ALA E 241 12.80 43.71 -18.82
N GLY E 242 11.61 43.75 -18.22
CA GLY E 242 11.33 44.41 -16.94
C GLY E 242 10.71 45.79 -17.13
N THR E 243 9.54 46.03 -16.53
CA THR E 243 8.86 47.35 -16.48
C THR E 243 9.31 48.07 -15.21
N LYS E 244 9.87 49.27 -15.36
CA LYS E 244 10.39 50.10 -14.25
C LYS E 244 9.32 51.14 -13.87
N LEU E 245 8.93 51.18 -12.59
CA LEU E 245 8.08 52.24 -12.02
C LEU E 245 8.96 53.33 -11.40
N GLU E 246 8.64 54.59 -11.69
CA GLU E 246 9.33 55.79 -11.14
C GLU E 246 8.27 56.75 -10.60
N LEU E 247 8.68 57.92 -10.11
CA LEU E 247 7.81 58.98 -9.54
C LEU E 247 8.04 60.29 -10.30
#